data_2MUR
#
_entry.id   2MUR
#
loop_
_entity.id
_entity.type
_entity.pdbx_description
1 polymer 'Fanconi anemia-associated protein of 20 kDa'
2 polymer Ubiquitin
3 non-polymer 'ZINC ION'
#
loop_
_entity_poly.entity_id
_entity_poly.type
_entity_poly.pdbx_seq_one_letter_code
_entity_poly.pdbx_strand_id
1 'polypeptide(L)' SHMGAAALRSCPMCQKEFAPRLTQLDVDSHLAQCLAESTEDVTW A
2 'polypeptide(L)' SHMQIFVKTLTGKTITLEVEPSDTIENVKAKIQDKEGIPPDQQRLIFAGKQLEDGRTLSDYNIQKESTLHLVLRLRGG B
#
loop_
_chem_comp.id
_chem_comp.type
_chem_comp.name
_chem_comp.formula
ZN non-polymer 'ZINC ION' 'Zn 2'
#
# COMPACT_ATOMS: atom_id res chain seq x y z
N SER A 1 -27.14 -9.83 1.29
CA SER A 1 -25.84 -9.54 0.69
C SER A 1 -25.04 -8.57 1.56
N HIS A 2 -24.33 -9.11 2.54
CA HIS A 2 -23.53 -8.29 3.45
C HIS A 2 -22.05 -8.41 3.11
N MET A 3 -21.73 -8.38 1.82
CA MET A 3 -20.35 -8.48 1.37
C MET A 3 -19.74 -7.10 1.18
N GLY A 4 -18.41 -7.04 1.18
CA GLY A 4 -17.72 -5.77 1.01
C GLY A 4 -16.37 -5.75 1.69
N ALA A 5 -16.13 -4.72 2.50
CA ALA A 5 -14.86 -4.58 3.21
C ALA A 5 -13.70 -4.42 2.24
N ALA A 6 -13.89 -3.55 1.24
CA ALA A 6 -12.86 -3.30 0.25
C ALA A 6 -13.29 -2.20 -0.72
N ALA A 7 -12.31 -1.52 -1.32
CA ALA A 7 -12.59 -0.45 -2.26
C ALA A 7 -12.84 -1.00 -3.67
N LEU A 8 -12.58 -2.29 -3.85
CA LEU A 8 -12.77 -2.94 -5.14
C LEU A 8 -13.08 -4.42 -4.96
N ARG A 9 -13.95 -4.94 -5.81
CA ARG A 9 -14.33 -6.36 -5.76
C ARG A 9 -13.61 -7.15 -6.84
N SER A 10 -13.07 -6.45 -7.82
CA SER A 10 -12.36 -7.09 -8.92
C SER A 10 -11.08 -6.33 -9.26
N CYS A 11 -9.95 -7.04 -9.24
CA CYS A 11 -8.67 -6.44 -9.55
C CYS A 11 -8.72 -5.69 -10.87
N PRO A 12 -8.72 -4.35 -10.79
CA PRO A 12 -8.77 -3.48 -11.97
C PRO A 12 -7.47 -3.52 -12.77
N MET A 13 -6.49 -4.25 -12.26
CA MET A 13 -5.20 -4.38 -12.93
C MET A 13 -5.19 -5.57 -13.88
N CYS A 14 -5.53 -6.74 -13.37
CA CYS A 14 -5.56 -7.96 -14.17
C CYS A 14 -6.99 -8.47 -14.32
N GLN A 15 -7.95 -7.58 -14.08
CA GLN A 15 -9.37 -7.94 -14.19
C GLN A 15 -9.63 -9.31 -13.57
N LYS A 16 -9.40 -9.41 -12.26
CA LYS A 16 -9.62 -10.66 -11.54
C LYS A 16 -10.54 -10.45 -10.34
N GLU A 17 -11.72 -11.05 -10.41
CA GLU A 17 -12.70 -10.93 -9.33
C GLU A 17 -12.14 -11.49 -8.02
N PHE A 18 -12.07 -10.66 -7.01
CA PHE A 18 -11.55 -11.07 -5.70
C PHE A 18 -12.56 -11.99 -5.00
N ALA A 19 -12.04 -12.85 -4.12
CA ALA A 19 -12.88 -13.78 -3.39
C ALA A 19 -13.91 -13.04 -2.54
N PRO A 20 -15.06 -13.68 -2.30
CA PRO A 20 -16.15 -13.10 -1.51
C PRO A 20 -15.80 -13.00 -0.03
N ARG A 21 -16.64 -12.31 0.73
CA ARG A 21 -16.41 -12.14 2.16
C ARG A 21 -14.94 -11.88 2.45
N LEU A 22 -14.29 -11.12 1.57
CA LEU A 22 -12.88 -10.80 1.74
C LEU A 22 -12.69 -9.61 2.68
N THR A 23 -11.44 -9.17 2.83
CA THR A 23 -11.14 -8.05 3.70
C THR A 23 -10.22 -7.05 3.01
N GLN A 24 -10.16 -5.84 3.54
CA GLN A 24 -9.32 -4.79 2.96
C GLN A 24 -7.90 -5.29 2.77
N LEU A 25 -7.47 -6.20 3.62
CA LEU A 25 -6.12 -6.76 3.55
C LEU A 25 -5.99 -7.71 2.35
N ASP A 26 -7.06 -8.45 2.08
CA ASP A 26 -7.06 -9.39 0.96
C ASP A 26 -6.84 -8.66 -0.36
N VAL A 27 -7.74 -7.73 -0.68
CA VAL A 27 -7.64 -6.96 -1.91
C VAL A 27 -6.28 -6.28 -2.03
N ASP A 28 -5.86 -5.61 -0.96
CA ASP A 28 -4.59 -4.92 -0.94
C ASP A 28 -3.43 -5.89 -1.16
N SER A 29 -3.50 -7.04 -0.50
CA SER A 29 -2.46 -8.06 -0.63
C SER A 29 -2.19 -8.39 -2.10
N HIS A 30 -3.26 -8.60 -2.86
CA HIS A 30 -3.15 -8.93 -4.27
C HIS A 30 -2.80 -7.69 -5.08
N LEU A 31 -3.43 -6.56 -4.74
CA LEU A 31 -3.19 -5.30 -5.43
C LEU A 31 -1.71 -4.92 -5.37
N ALA A 32 -1.03 -5.36 -4.31
CA ALA A 32 0.39 -5.07 -4.14
C ALA A 32 1.24 -5.89 -5.11
N GLN A 33 1.01 -7.19 -5.12
CA GLN A 33 1.75 -8.10 -5.99
C GLN A 33 1.40 -7.86 -7.45
N CYS A 34 0.15 -7.47 -7.69
CA CYS A 34 -0.30 -7.22 -9.05
C CYS A 34 0.35 -5.92 -9.53
N LEU A 35 0.25 -4.90 -8.70
CA LEU A 35 0.81 -3.59 -9.02
C LEU A 35 2.28 -3.72 -9.41
N ALA A 36 3.04 -4.47 -8.61
CA ALA A 36 4.46 -4.66 -8.87
C ALA A 36 4.67 -5.31 -10.25
N GLU A 37 3.80 -6.23 -10.60
CA GLU A 37 3.90 -6.91 -11.89
C GLU A 37 3.47 -6.00 -13.03
N SER A 38 2.49 -5.14 -12.76
CA SER A 38 1.99 -4.20 -13.76
C SER A 38 3.08 -3.23 -14.19
N THR A 39 2.87 -2.57 -15.32
CA THR A 39 3.83 -1.61 -15.83
C THR A 39 3.32 -0.18 -15.69
N GLU A 40 1.99 -0.04 -15.62
CA GLU A 40 1.38 1.28 -15.48
C GLU A 40 0.87 1.49 -14.05
N ASP A 41 1.32 2.58 -13.44
CA ASP A 41 0.91 2.90 -12.07
C ASP A 41 -0.30 3.84 -12.06
N VAL A 42 -1.39 3.38 -12.66
CA VAL A 42 -2.62 4.18 -12.72
C VAL A 42 -3.32 4.21 -11.37
N THR A 43 -4.02 5.31 -11.10
CA THR A 43 -4.74 5.46 -9.85
C THR A 43 -6.21 5.11 -10.00
N TRP A 44 -6.62 4.02 -9.37
CA TRP A 44 -8.01 3.57 -9.44
C TRP A 44 -8.73 3.82 -8.13
N SER B 1 1.38 14.88 18.44
CA SER B 1 0.91 13.50 18.45
C SER B 1 1.53 12.72 17.31
N HIS B 2 2.04 11.53 17.63
CA HIS B 2 2.67 10.68 16.62
C HIS B 2 2.00 9.31 16.58
N MET B 3 1.55 8.91 15.40
CA MET B 3 0.89 7.62 15.23
C MET B 3 1.85 6.59 14.62
N GLN B 4 1.57 5.32 14.87
CA GLN B 4 2.41 4.24 14.36
C GLN B 4 1.74 3.56 13.17
N ILE B 5 2.55 2.96 12.31
CA ILE B 5 2.05 2.26 11.13
C ILE B 5 2.92 1.06 10.78
N PHE B 6 2.32 0.09 10.09
CA PHE B 6 3.05 -1.11 9.69
C PHE B 6 3.00 -1.29 8.17
N VAL B 7 4.10 -1.78 7.61
CA VAL B 7 4.18 -2.02 6.17
C VAL B 7 4.86 -3.34 5.86
N LYS B 8 4.10 -4.26 5.30
CA LYS B 8 4.64 -5.58 4.94
C LYS B 8 4.98 -5.65 3.46
N THR B 9 6.02 -6.42 3.13
CA THR B 9 6.46 -6.57 1.75
C THR B 9 5.95 -7.87 1.15
N LEU B 10 6.27 -8.10 -0.11
CA LEU B 10 5.84 -9.31 -0.80
C LEU B 10 6.62 -10.52 -0.31
N THR B 11 7.67 -10.27 0.47
CA THR B 11 8.50 -11.35 1.00
C THR B 11 7.98 -11.81 2.36
N GLY B 12 7.06 -11.04 2.94
CA GLY B 12 6.50 -11.40 4.22
C GLY B 12 7.03 -10.52 5.36
N LYS B 13 8.19 -9.92 5.13
CA LYS B 13 8.80 -9.05 6.13
C LYS B 13 7.82 -8.00 6.62
N THR B 14 7.86 -7.70 7.91
CA THR B 14 6.96 -6.70 8.50
C THR B 14 7.75 -5.54 9.10
N ILE B 15 7.53 -4.35 8.55
CA ILE B 15 8.22 -3.15 9.04
C ILE B 15 7.31 -2.32 9.92
N THR B 16 7.84 -1.87 11.06
CA THR B 16 7.07 -1.06 11.99
C THR B 16 7.72 0.32 12.19
N LEU B 17 7.06 1.34 11.67
CA LEU B 17 7.57 2.71 11.78
C LEU B 17 6.46 3.67 12.21
N GLU B 18 6.85 4.89 12.54
CA GLU B 18 5.89 5.90 12.97
C GLU B 18 5.75 7.00 11.93
N VAL B 19 4.55 7.58 11.83
CA VAL B 19 4.29 8.65 10.88
C VAL B 19 3.31 9.67 11.43
N GLU B 20 3.28 10.85 10.84
CA GLU B 20 2.38 11.92 11.28
C GLU B 20 1.20 12.07 10.33
N PRO B 21 0.13 12.70 10.81
CA PRO B 21 -1.08 12.92 10.01
C PRO B 21 -0.87 13.94 8.90
N SER B 22 0.14 14.80 9.06
CA SER B 22 0.45 15.82 8.07
C SER B 22 1.52 15.32 7.11
N ASP B 23 2.12 14.18 7.43
CA ASP B 23 3.16 13.60 6.58
C ASP B 23 2.59 13.15 5.25
N THR B 24 3.43 12.51 4.43
CA THR B 24 3.00 12.03 3.12
C THR B 24 3.48 10.60 2.89
N ILE B 25 2.91 9.95 1.89
CA ILE B 25 3.27 8.58 1.55
C ILE B 25 4.77 8.45 1.32
N GLU B 26 5.31 9.34 0.51
CA GLU B 26 6.75 9.33 0.20
C GLU B 26 7.57 9.38 1.48
N ASN B 27 7.07 10.09 2.48
CA ASN B 27 7.76 10.21 3.77
C ASN B 27 7.88 8.86 4.45
N VAL B 28 6.78 8.10 4.44
CA VAL B 28 6.76 6.78 5.06
C VAL B 28 7.84 5.88 4.49
N LYS B 29 8.15 6.07 3.21
CA LYS B 29 9.17 5.28 2.53
C LYS B 29 10.57 5.78 2.88
N ALA B 30 10.67 7.07 3.17
CA ALA B 30 11.95 7.67 3.53
C ALA B 30 12.58 6.96 4.72
N LYS B 31 11.80 6.81 5.79
CA LYS B 31 12.29 6.14 6.99
C LYS B 31 12.42 4.64 6.77
N ILE B 32 11.49 4.08 6.01
CA ILE B 32 11.50 2.65 5.72
C ILE B 32 12.77 2.26 4.98
N GLN B 33 13.32 3.20 4.21
CA GLN B 33 14.52 2.94 3.44
C GLN B 33 15.68 2.54 4.36
N ASP B 34 15.81 3.23 5.48
CA ASP B 34 16.86 2.93 6.44
C ASP B 34 16.60 1.62 7.16
N LYS B 35 15.39 1.09 6.99
CA LYS B 35 15.00 -0.16 7.62
C LYS B 35 15.35 -1.35 6.73
N GLU B 36 14.68 -1.44 5.59
CA GLU B 36 14.91 -2.53 4.65
C GLU B 36 16.13 -2.23 3.77
N GLY B 37 16.21 -1.00 3.28
CA GLY B 37 17.33 -0.62 2.44
C GLY B 37 16.92 -0.40 1.00
N ILE B 38 15.72 0.14 0.81
CA ILE B 38 15.20 0.40 -0.53
C ILE B 38 14.79 1.86 -0.69
N PRO B 39 15.06 2.44 -1.87
CA PRO B 39 14.72 3.82 -2.17
C PRO B 39 13.22 4.05 -2.30
N PRO B 40 12.74 5.21 -1.83
CA PRO B 40 11.32 5.56 -1.89
C PRO B 40 10.85 5.83 -3.31
N ASP B 41 11.79 5.97 -4.23
CA ASP B 41 11.48 6.22 -5.63
C ASP B 41 11.15 4.92 -6.36
N GLN B 42 11.24 3.81 -5.64
CA GLN B 42 10.96 2.50 -6.23
C GLN B 42 9.85 1.79 -5.47
N GLN B 43 9.86 1.94 -4.15
CA GLN B 43 8.84 1.32 -3.30
C GLN B 43 7.59 2.17 -3.24
N ARG B 44 6.44 1.51 -3.10
CA ARG B 44 5.16 2.20 -3.03
C ARG B 44 4.32 1.68 -1.87
N LEU B 45 3.15 2.30 -1.67
CA LEU B 45 2.25 1.89 -0.59
C LEU B 45 0.87 1.57 -1.13
N ILE B 46 0.20 0.63 -0.49
CA ILE B 46 -1.15 0.22 -0.91
C ILE B 46 -2.08 0.10 0.30
N PHE B 47 -3.17 0.86 0.28
CA PHE B 47 -4.15 0.83 1.36
C PHE B 47 -5.51 1.32 0.88
N ALA B 48 -6.56 0.73 1.42
CA ALA B 48 -7.92 1.10 1.04
C ALA B 48 -8.18 0.83 -0.43
N GLY B 49 -7.48 -0.15 -0.98
CA GLY B 49 -7.65 -0.50 -2.38
C GLY B 49 -7.26 0.64 -3.31
N LYS B 50 -6.33 1.47 -2.86
CA LYS B 50 -5.86 2.60 -3.66
C LYS B 50 -4.35 2.73 -3.59
N GLN B 51 -3.75 3.28 -4.64
CA GLN B 51 -2.31 3.46 -4.71
C GLN B 51 -1.89 4.72 -3.95
N LEU B 52 -1.23 4.53 -2.81
CA LEU B 52 -0.77 5.64 -1.99
C LEU B 52 0.56 6.18 -2.51
N GLU B 53 0.60 7.48 -2.79
CA GLU B 53 1.81 8.11 -3.30
C GLU B 53 1.97 9.51 -2.70
N ASP B 54 3.07 10.17 -3.06
CA ASP B 54 3.34 11.52 -2.56
C ASP B 54 2.24 12.48 -2.97
N GLY B 55 1.48 12.11 -3.99
CA GLY B 55 0.40 12.95 -4.47
C GLY B 55 -0.61 13.28 -3.38
N ARG B 56 -0.63 12.46 -2.33
CA ARG B 56 -1.55 12.67 -1.22
C ARG B 56 -0.85 12.44 0.11
N THR B 57 -1.51 12.84 1.20
CA THR B 57 -0.96 12.68 2.53
C THR B 57 -1.62 11.51 3.27
N LEU B 58 -1.19 11.28 4.50
CA LEU B 58 -1.75 10.21 5.32
C LEU B 58 -3.22 10.43 5.60
N SER B 59 -3.57 11.65 6.01
CA SER B 59 -4.95 12.00 6.32
C SER B 59 -5.82 11.86 5.07
N ASP B 60 -5.18 11.87 3.90
CA ASP B 60 -5.90 11.76 2.64
C ASP B 60 -6.47 10.36 2.47
N TYR B 61 -5.72 9.36 2.91
CA TYR B 61 -6.15 7.96 2.80
C TYR B 61 -6.72 7.46 4.13
N ASN B 62 -7.05 8.39 5.02
CA ASN B 62 -7.60 8.04 6.33
C ASN B 62 -6.72 7.02 7.03
N ILE B 63 -5.41 7.14 6.85
CA ILE B 63 -4.46 6.22 7.47
C ILE B 63 -4.31 6.52 8.96
N GLN B 64 -4.95 5.71 9.79
CA GLN B 64 -4.88 5.89 11.23
C GLN B 64 -3.74 5.07 11.83
N LYS B 65 -3.69 5.00 13.15
CA LYS B 65 -2.66 4.25 13.85
C LYS B 65 -2.83 2.75 13.61
N GLU B 66 -1.72 2.04 13.47
CA GLU B 66 -1.74 0.61 13.24
C GLU B 66 -2.42 0.28 11.91
N SER B 67 -1.93 0.90 10.84
CA SER B 67 -2.48 0.67 9.51
C SER B 67 -1.75 -0.45 8.79
N THR B 68 -2.51 -1.34 8.15
CA THR B 68 -1.93 -2.46 7.44
C THR B 68 -1.65 -2.10 5.98
N LEU B 69 -0.43 -1.65 5.70
CA LEU B 69 -0.04 -1.27 4.35
C LEU B 69 0.88 -2.31 3.73
N HIS B 70 0.97 -2.31 2.41
CA HIS B 70 1.82 -3.26 1.70
C HIS B 70 2.98 -2.54 1.01
N LEU B 71 3.95 -3.31 0.52
CA LEU B 71 5.11 -2.75 -0.16
C LEU B 71 5.21 -3.27 -1.59
N VAL B 72 5.36 -2.35 -2.54
CA VAL B 72 5.47 -2.72 -3.95
C VAL B 72 6.62 -1.98 -4.62
N LEU B 73 7.57 -2.73 -5.15
CA LEU B 73 8.72 -2.14 -5.82
C LEU B 73 8.61 -2.29 -7.33
N ARG B 74 8.58 -1.17 -8.04
CA ARG B 74 8.48 -1.16 -9.49
C ARG B 74 9.78 -0.68 -10.13
N LEU B 75 10.77 -1.56 -10.17
CA LEU B 75 12.07 -1.22 -10.77
C LEU B 75 11.89 -0.64 -12.16
N ARG B 76 12.70 0.36 -12.49
CA ARG B 76 12.64 1.00 -13.80
C ARG B 76 13.59 0.32 -14.77
N GLY B 77 14.88 0.35 -14.46
CA GLY B 77 15.88 -0.26 -15.32
C GLY B 77 16.12 -1.71 -14.98
N GLY B 78 15.95 -2.06 -13.71
CA GLY B 78 16.17 -3.44 -13.29
C GLY B 78 15.07 -4.37 -13.77
ZN ZN C . -4.34 -8.70 -10.06
N SER A 1 -22.16 -9.84 9.89
CA SER A 1 -21.50 -10.41 8.72
C SER A 1 -22.20 -10.01 7.44
N HIS A 2 -21.57 -9.15 6.65
CA HIS A 2 -22.15 -8.68 5.40
C HIS A 2 -21.06 -8.21 4.44
N MET A 3 -21.34 -8.26 3.14
CA MET A 3 -20.39 -7.85 2.13
C MET A 3 -20.36 -6.33 2.00
N GLY A 4 -19.22 -5.73 2.34
CA GLY A 4 -19.09 -4.29 2.25
C GLY A 4 -17.96 -3.76 3.12
N ALA A 5 -16.80 -4.41 3.05
CA ALA A 5 -15.64 -4.00 3.82
C ALA A 5 -14.42 -3.84 2.93
N ALA A 6 -14.55 -3.02 1.89
CA ALA A 6 -13.46 -2.78 0.97
C ALA A 6 -13.80 -1.67 -0.01
N ALA A 7 -12.78 -1.13 -0.69
CA ALA A 7 -12.98 -0.06 -1.65
C ALA A 7 -13.21 -0.62 -3.04
N LEU A 8 -12.71 -1.82 -3.30
CA LEU A 8 -12.87 -2.46 -4.59
C LEU A 8 -13.08 -3.97 -4.43
N ARG A 9 -13.98 -4.53 -5.23
CA ARG A 9 -14.26 -5.95 -5.18
C ARG A 9 -13.71 -6.66 -6.41
N SER A 10 -12.94 -5.94 -7.21
CA SER A 10 -12.34 -6.50 -8.42
C SER A 10 -11.07 -5.74 -8.81
N CYS A 11 -9.98 -6.47 -8.94
CA CYS A 11 -8.70 -5.87 -9.31
C CYS A 11 -8.84 -5.02 -10.56
N PRO A 12 -8.78 -3.69 -10.38
CA PRO A 12 -8.90 -2.73 -11.49
C PRO A 12 -7.68 -2.76 -12.40
N MET A 13 -6.71 -3.61 -12.08
CA MET A 13 -5.50 -3.73 -12.87
C MET A 13 -5.62 -4.88 -13.88
N CYS A 14 -5.95 -6.07 -13.38
CA CYS A 14 -6.10 -7.23 -14.23
C CYS A 14 -7.55 -7.74 -14.22
N GLN A 15 -8.47 -6.85 -13.86
CA GLN A 15 -9.89 -7.19 -13.81
C GLN A 15 -10.08 -8.56 -13.19
N LYS A 16 -9.83 -8.66 -11.88
CA LYS A 16 -9.98 -9.91 -11.16
C LYS A 16 -10.88 -9.74 -9.94
N GLU A 17 -12.11 -10.23 -10.05
CA GLU A 17 -13.07 -10.13 -8.96
C GLU A 17 -12.52 -10.76 -7.68
N PHE A 18 -12.24 -9.92 -6.69
CA PHE A 18 -11.71 -10.40 -5.41
C PHE A 18 -12.75 -11.24 -4.67
N ALA A 19 -12.26 -12.15 -3.83
CA ALA A 19 -13.14 -13.01 -3.05
C ALA A 19 -14.11 -12.19 -2.20
N PRO A 20 -15.29 -12.77 -1.92
CA PRO A 20 -16.32 -12.11 -1.11
C PRO A 20 -15.92 -11.99 0.35
N ARG A 21 -16.68 -11.21 1.10
CA ARG A 21 -16.40 -11.01 2.52
C ARG A 21 -14.91 -10.89 2.78
N LEU A 22 -14.21 -10.19 1.89
CA LEU A 22 -12.77 -10.01 2.02
C LEU A 22 -12.45 -8.85 2.95
N THR A 23 -11.16 -8.54 3.09
CA THR A 23 -10.72 -7.45 3.95
C THR A 23 -9.80 -6.50 3.21
N GLN A 24 -9.61 -5.31 3.77
CA GLN A 24 -8.74 -4.31 3.15
C GLN A 24 -7.37 -4.88 2.86
N LEU A 25 -6.93 -5.83 3.69
CA LEU A 25 -5.63 -6.46 3.51
C LEU A 25 -5.64 -7.40 2.30
N ASP A 26 -6.79 -8.01 2.05
CA ASP A 26 -6.93 -8.92 0.92
C ASP A 26 -6.73 -8.20 -0.41
N VAL A 27 -7.58 -7.21 -0.67
CA VAL A 27 -7.50 -6.43 -1.90
C VAL A 27 -6.10 -5.83 -2.08
N ASP A 28 -5.50 -5.40 -0.98
CA ASP A 28 -4.17 -4.82 -1.02
C ASP A 28 -3.11 -5.89 -1.29
N SER A 29 -3.30 -7.06 -0.69
CA SER A 29 -2.36 -8.15 -0.85
C SER A 29 -2.09 -8.42 -2.33
N HIS A 30 -3.17 -8.63 -3.09
CA HIS A 30 -3.05 -8.89 -4.52
C HIS A 30 -2.63 -7.63 -5.27
N LEU A 31 -3.25 -6.51 -4.92
CA LEU A 31 -2.94 -5.24 -5.57
C LEU A 31 -1.44 -4.96 -5.54
N ALA A 32 -0.76 -5.47 -4.52
CA ALA A 32 0.67 -5.28 -4.38
C ALA A 32 1.43 -6.13 -5.40
N GLN A 33 0.99 -7.37 -5.58
CA GLN A 33 1.63 -8.28 -6.52
C GLN A 33 1.31 -7.89 -7.96
N CYS A 34 0.06 -7.52 -8.19
CA CYS A 34 -0.37 -7.13 -9.53
C CYS A 34 0.52 -5.97 -10.00
N LEU A 35 0.78 -5.05 -9.07
CA LEU A 35 1.61 -3.88 -9.36
C LEU A 35 3.04 -4.30 -9.68
N ALA A 36 3.68 -4.98 -8.74
CA ALA A 36 5.04 -5.44 -8.91
C ALA A 36 5.17 -6.34 -10.14
N GLU A 37 4.05 -6.93 -10.55
CA GLU A 37 4.03 -7.81 -11.71
C GLU A 37 3.75 -7.03 -12.99
N SER A 38 3.10 -5.89 -12.84
CA SER A 38 2.76 -5.04 -13.98
C SER A 38 3.73 -3.87 -14.09
N THR A 39 3.72 -3.22 -15.25
CA THR A 39 4.60 -2.07 -15.48
C THR A 39 3.80 -0.85 -15.91
N GLU A 40 2.48 -1.01 -15.98
CA GLU A 40 1.60 0.10 -16.38
C GLU A 40 1.53 1.15 -15.30
N ASP A 41 1.44 0.71 -14.05
CA ASP A 41 1.36 1.64 -12.92
C ASP A 41 0.12 2.53 -13.02
N VAL A 42 -1.04 1.91 -13.17
CA VAL A 42 -2.29 2.65 -13.29
C VAL A 42 -2.75 3.15 -11.92
N THR A 43 -3.49 4.26 -11.92
CA THR A 43 -4.00 4.85 -10.69
C THR A 43 -5.51 4.99 -10.73
N TRP A 44 -6.19 4.31 -9.81
CA TRP A 44 -7.65 4.35 -9.75
C TRP A 44 -8.11 5.18 -8.55
N SER B 1 0.33 13.48 19.13
CA SER B 1 -0.23 13.50 17.79
C SER B 1 0.62 12.68 16.83
N HIS B 2 1.09 11.52 17.31
CA HIS B 2 1.91 10.64 16.50
C HIS B 2 1.33 9.23 16.46
N MET B 3 1.05 8.74 15.26
CA MET B 3 0.49 7.40 15.08
C MET B 3 1.54 6.43 14.55
N GLN B 4 1.22 5.15 14.57
CA GLN B 4 2.14 4.11 14.09
C GLN B 4 1.52 3.33 12.94
N ILE B 5 2.36 2.72 12.13
CA ILE B 5 1.90 1.93 11.00
C ILE B 5 2.82 0.75 10.73
N PHE B 6 2.28 -0.30 10.11
CA PHE B 6 3.06 -1.48 9.79
C PHE B 6 3.10 -1.73 8.29
N VAL B 7 4.30 -1.68 7.71
CA VAL B 7 4.47 -1.90 6.28
C VAL B 7 5.10 -3.26 6.01
N LYS B 8 4.39 -4.08 5.23
CA LYS B 8 4.88 -5.41 4.88
C LYS B 8 5.51 -5.42 3.49
N THR B 9 6.53 -6.25 3.32
CA THR B 9 7.23 -6.35 2.04
C THR B 9 6.62 -7.46 1.18
N LEU B 10 6.96 -7.44 -0.11
CA LEU B 10 6.45 -8.45 -1.04
C LEU B 10 6.93 -9.84 -0.64
N THR B 11 7.96 -9.89 0.19
CA THR B 11 8.52 -11.16 0.65
C THR B 11 7.83 -11.63 1.93
N GLY B 12 7.08 -10.73 2.55
CA GLY B 12 6.38 -11.07 3.78
C GLY B 12 6.98 -10.38 4.99
N LYS B 13 8.17 -9.80 4.82
CA LYS B 13 8.84 -9.10 5.91
C LYS B 13 7.92 -8.07 6.55
N THR B 14 7.96 -8.01 7.88
CA THR B 14 7.12 -7.07 8.62
C THR B 14 7.94 -5.89 9.14
N ILE B 15 7.52 -4.68 8.79
CA ILE B 15 8.22 -3.48 9.23
C ILE B 15 7.30 -2.58 10.06
N THR B 16 7.85 -2.00 11.11
CA THR B 16 7.09 -1.12 11.98
C THR B 16 7.74 0.26 12.08
N LEU B 17 6.94 1.29 11.85
CA LEU B 17 7.43 2.67 11.91
C LEU B 17 6.33 3.62 12.36
N GLU B 18 6.70 4.87 12.64
CA GLU B 18 5.75 5.87 13.07
C GLU B 18 5.51 6.91 11.98
N VAL B 19 4.32 7.50 11.98
CA VAL B 19 3.97 8.51 10.99
C VAL B 19 3.00 9.54 11.56
N GLU B 20 2.70 10.56 10.77
CA GLU B 20 1.79 11.62 11.21
C GLU B 20 0.65 11.80 10.21
N PRO B 21 -0.44 12.43 10.67
CA PRO B 21 -1.62 12.67 9.84
C PRO B 21 -1.37 13.71 8.76
N SER B 22 -0.41 14.60 9.01
CA SER B 22 -0.07 15.64 8.05
C SER B 22 1.02 15.16 7.09
N ASP B 23 1.69 14.08 7.46
CA ASP B 23 2.74 13.51 6.63
C ASP B 23 2.19 13.04 5.29
N THR B 24 3.06 12.44 4.48
CA THR B 24 2.66 11.93 3.17
C THR B 24 3.17 10.52 2.94
N ILE B 25 2.72 9.89 1.86
CA ILE B 25 3.13 8.54 1.52
C ILE B 25 4.64 8.47 1.31
N GLU B 26 5.19 9.51 0.70
CA GLU B 26 6.62 9.57 0.44
C GLU B 26 7.43 9.57 1.74
N ASN B 27 6.86 10.18 2.77
CA ASN B 27 7.52 10.25 4.07
C ASN B 27 7.62 8.86 4.70
N VAL B 28 6.54 8.10 4.63
CA VAL B 28 6.51 6.75 5.19
C VAL B 28 7.63 5.89 4.61
N LYS B 29 7.90 6.09 3.32
CA LYS B 29 8.94 5.32 2.63
C LYS B 29 10.32 5.88 2.97
N ALA B 30 10.38 7.18 3.26
CA ALA B 30 11.64 7.83 3.60
C ALA B 30 12.31 7.14 4.79
N LYS B 31 11.56 6.96 5.87
CA LYS B 31 12.09 6.32 7.07
C LYS B 31 12.27 4.82 6.85
N ILE B 32 11.35 4.21 6.09
CA ILE B 32 11.41 2.79 5.80
C ILE B 32 12.71 2.44 5.08
N GLN B 33 13.24 3.40 4.33
CA GLN B 33 14.48 3.19 3.58
C GLN B 33 15.62 2.80 4.52
N ASP B 34 15.71 3.51 5.64
CA ASP B 34 16.76 3.25 6.62
C ASP B 34 16.53 1.90 7.32
N LYS B 35 15.33 1.35 7.12
CA LYS B 35 14.98 0.07 7.74
C LYS B 35 15.37 -1.09 6.83
N GLU B 36 14.70 -1.18 5.69
CA GLU B 36 14.97 -2.25 4.72
C GLU B 36 16.20 -1.93 3.88
N GLY B 37 16.27 -0.69 3.40
CA GLY B 37 17.40 -0.28 2.58
C GLY B 37 17.02 -0.06 1.14
N ILE B 38 15.84 0.51 0.92
CA ILE B 38 15.35 0.77 -0.44
C ILE B 38 14.85 2.19 -0.58
N PRO B 39 15.09 2.80 -1.75
CA PRO B 39 14.67 4.17 -2.04
C PRO B 39 13.15 4.29 -2.18
N PRO B 40 12.59 5.41 -1.68
CA PRO B 40 11.15 5.67 -1.74
C PRO B 40 10.67 5.94 -3.16
N ASP B 41 11.61 6.16 -4.07
CA ASP B 41 11.28 6.42 -5.47
C ASP B 41 11.04 5.12 -6.22
N GLN B 42 11.20 3.99 -5.52
CA GLN B 42 11.00 2.69 -6.14
C GLN B 42 9.92 1.90 -5.41
N GLN B 43 9.92 1.99 -4.08
CA GLN B 43 8.93 1.29 -3.26
C GLN B 43 7.60 2.03 -3.26
N ARG B 44 6.50 1.28 -3.30
CA ARG B 44 5.17 1.87 -3.30
C ARG B 44 4.37 1.39 -2.08
N LEU B 45 3.17 1.93 -1.93
CA LEU B 45 2.30 1.57 -0.81
C LEU B 45 0.91 1.19 -1.30
N ILE B 46 0.27 0.27 -0.60
CA ILE B 46 -1.07 -0.18 -0.96
C ILE B 46 -1.98 -0.23 0.25
N PHE B 47 -2.93 0.70 0.32
CA PHE B 47 -3.88 0.75 1.44
C PHE B 47 -5.27 1.17 0.95
N ALA B 48 -6.29 0.61 1.60
CA ALA B 48 -7.67 0.93 1.24
C ALA B 48 -7.98 0.45 -0.18
N GLY B 49 -7.24 -0.55 -0.65
CA GLY B 49 -7.46 -1.08 -1.98
C GLY B 49 -7.04 -0.10 -3.06
N LYS B 50 -6.34 0.96 -2.66
CA LYS B 50 -5.88 1.97 -3.60
C LYS B 50 -4.37 2.17 -3.49
N GLN B 51 -3.75 2.58 -4.60
CA GLN B 51 -2.30 2.81 -4.61
C GLN B 51 -1.97 4.17 -4.01
N LEU B 52 -1.35 4.16 -2.83
CA LEU B 52 -0.98 5.39 -2.14
C LEU B 52 0.26 6.01 -2.78
N GLU B 53 0.28 7.34 -2.87
CA GLU B 53 1.40 8.04 -3.46
C GLU B 53 1.60 9.40 -2.79
N ASP B 54 2.72 10.06 -3.10
CA ASP B 54 3.02 11.36 -2.53
C ASP B 54 1.95 12.38 -2.89
N GLY B 55 1.17 12.07 -3.94
CA GLY B 55 0.12 12.98 -4.36
C GLY B 55 -0.91 13.24 -3.28
N ARG B 56 -0.93 12.36 -2.27
CA ARG B 56 -1.87 12.50 -1.17
C ARG B 56 -1.17 12.32 0.18
N THR B 57 -1.87 12.68 1.24
CA THR B 57 -1.30 12.56 2.59
C THR B 57 -1.89 11.36 3.33
N LEU B 58 -1.46 11.16 4.56
CA LEU B 58 -1.93 10.04 5.37
C LEU B 58 -3.42 10.20 5.69
N SER B 59 -3.79 11.39 6.14
CA SER B 59 -5.18 11.68 6.48
C SER B 59 -6.08 11.55 5.26
N ASP B 60 -5.49 11.70 4.07
CA ASP B 60 -6.24 11.60 2.83
C ASP B 60 -6.69 10.17 2.58
N TYR B 61 -5.90 9.21 3.04
CA TYR B 61 -6.22 7.80 2.87
C TYR B 61 -6.82 7.22 4.14
N ASN B 62 -7.23 8.09 5.05
CA ASN B 62 -7.82 7.67 6.32
C ASN B 62 -6.93 6.65 7.01
N ILE B 63 -5.62 6.78 6.82
CA ILE B 63 -4.65 5.88 7.43
C ILE B 63 -4.53 6.14 8.93
N GLN B 64 -5.13 5.26 9.73
CA GLN B 64 -5.09 5.39 11.18
C GLN B 64 -3.94 4.58 11.76
N LYS B 65 -3.93 4.45 13.09
CA LYS B 65 -2.89 3.70 13.78
C LYS B 65 -2.96 2.22 13.43
N GLU B 66 -1.81 1.58 13.34
CA GLU B 66 -1.75 0.15 13.02
C GLU B 66 -2.30 -0.10 11.62
N SER B 67 -1.80 0.66 10.64
CA SER B 67 -2.24 0.51 9.26
C SER B 67 -1.42 -0.54 8.53
N THR B 68 -2.10 -1.56 8.01
CA THR B 68 -1.43 -2.63 7.29
C THR B 68 -1.33 -2.33 5.80
N LEU B 69 -0.10 -2.14 5.33
CA LEU B 69 0.13 -1.83 3.91
C LEU B 69 1.17 -2.78 3.33
N HIS B 70 1.22 -2.83 1.99
CA HIS B 70 2.17 -3.69 1.30
C HIS B 70 3.29 -2.86 0.66
N LEU B 71 4.32 -3.55 0.17
CA LEU B 71 5.45 -2.89 -0.46
C LEU B 71 5.64 -3.38 -1.89
N VAL B 72 5.58 -2.46 -2.84
CA VAL B 72 5.73 -2.80 -4.25
C VAL B 72 6.86 -1.97 -4.88
N LEU B 73 7.97 -2.65 -5.21
CA LEU B 73 9.11 -1.98 -5.81
C LEU B 73 8.98 -1.97 -7.33
N ARG B 74 9.08 -0.78 -7.92
CA ARG B 74 8.98 -0.63 -9.36
C ARG B 74 10.32 -0.23 -9.96
N LEU B 75 11.16 -1.22 -10.24
CA LEU B 75 12.48 -0.98 -10.82
C LEU B 75 12.36 -0.44 -12.25
N ARG B 76 11.22 -0.73 -12.88
CA ARG B 76 10.98 -0.27 -14.25
C ARG B 76 11.98 -0.90 -15.21
N GLY B 77 12.28 -2.18 -14.99
CA GLY B 77 13.22 -2.87 -15.86
C GLY B 77 13.66 -4.20 -15.27
N GLY B 78 14.84 -4.22 -14.67
CA GLY B 78 15.35 -5.45 -14.08
C GLY B 78 16.82 -5.67 -14.38
ZN ZN C . -4.48 -8.19 -10.32
N SER A 1 -25.01 -14.16 3.16
CA SER A 1 -23.66 -13.62 3.17
C SER A 1 -23.66 -12.17 2.69
N HIS A 2 -22.76 -11.37 3.25
CA HIS A 2 -22.65 -9.96 2.88
C HIS A 2 -21.34 -9.68 2.16
N MET A 3 -21.21 -8.48 1.61
CA MET A 3 -20.00 -8.09 0.90
C MET A 3 -19.86 -6.58 0.85
N GLY A 4 -18.65 -6.11 0.54
CA GLY A 4 -18.40 -4.68 0.48
C GLY A 4 -17.50 -4.20 1.60
N ALA A 5 -16.42 -4.94 1.86
CA ALA A 5 -15.49 -4.58 2.91
C ALA A 5 -14.17 -4.08 2.33
N ALA A 6 -14.24 -3.43 1.16
CA ALA A 6 -13.05 -2.91 0.51
C ALA A 6 -13.42 -1.82 -0.49
N ALA A 7 -12.42 -1.33 -1.23
CA ALA A 7 -12.64 -0.29 -2.22
C ALA A 7 -13.00 -0.88 -3.57
N LEU A 8 -12.60 -2.13 -3.80
CA LEU A 8 -12.89 -2.81 -5.05
C LEU A 8 -13.22 -4.28 -4.81
N ARG A 9 -14.05 -4.84 -5.68
CA ARG A 9 -14.44 -6.24 -5.57
C ARG A 9 -13.75 -7.10 -6.63
N SER A 10 -13.10 -6.43 -7.58
CA SER A 10 -12.40 -7.13 -8.66
C SER A 10 -11.15 -6.36 -9.08
N CYS A 11 -10.02 -7.06 -9.09
CA CYS A 11 -8.75 -6.45 -9.47
C CYS A 11 -8.88 -5.71 -10.81
N PRO A 12 -8.89 -4.37 -10.74
CA PRO A 12 -9.00 -3.53 -11.94
C PRO A 12 -7.75 -3.57 -12.81
N MET A 13 -6.75 -4.32 -12.34
CA MET A 13 -5.50 -4.45 -13.09
C MET A 13 -5.52 -5.67 -13.98
N CYS A 14 -5.80 -6.84 -13.39
CA CYS A 14 -5.85 -8.07 -14.15
C CYS A 14 -7.26 -8.65 -14.16
N GLN A 15 -8.25 -7.78 -13.94
CA GLN A 15 -9.64 -8.19 -13.92
C GLN A 15 -9.81 -9.53 -13.19
N LYS A 16 -9.63 -9.49 -11.87
CA LYS A 16 -9.76 -10.70 -11.05
C LYS A 16 -10.71 -10.45 -9.88
N GLU A 17 -11.90 -11.03 -9.98
CA GLU A 17 -12.90 -10.87 -8.93
C GLU A 17 -12.38 -11.43 -7.60
N PHE A 18 -12.22 -10.54 -6.62
CA PHE A 18 -11.73 -10.94 -5.31
C PHE A 18 -12.79 -11.74 -4.55
N ALA A 19 -12.34 -12.60 -3.64
CA ALA A 19 -13.25 -13.42 -2.84
C ALA A 19 -14.20 -12.55 -2.02
N PRO A 20 -15.40 -13.10 -1.74
CA PRO A 20 -16.41 -12.39 -0.95
C PRO A 20 -16.01 -12.24 0.51
N ARG A 21 -16.80 -11.47 1.26
CA ARG A 21 -16.53 -11.25 2.68
C ARG A 21 -15.03 -11.08 2.92
N LEU A 22 -14.36 -10.41 1.99
CA LEU A 22 -12.92 -10.18 2.12
C LEU A 22 -12.64 -8.95 2.98
N THR A 23 -11.35 -8.59 3.08
CA THR A 23 -10.95 -7.45 3.88
C THR A 23 -10.00 -6.55 3.10
N GLN A 24 -9.82 -5.32 3.58
CA GLN A 24 -8.95 -4.35 2.93
C GLN A 24 -7.58 -4.97 2.65
N LEU A 25 -7.15 -5.88 3.53
CA LEU A 25 -5.86 -6.53 3.39
C LEU A 25 -5.89 -7.54 2.24
N ASP A 26 -7.01 -8.24 2.10
CA ASP A 26 -7.16 -9.23 1.04
C ASP A 26 -6.95 -8.59 -0.33
N VAL A 27 -7.59 -7.45 -0.55
CA VAL A 27 -7.49 -6.74 -1.81
C VAL A 27 -6.11 -6.10 -1.97
N ASP A 28 -5.73 -5.29 -0.99
CA ASP A 28 -4.43 -4.62 -1.02
C ASP A 28 -3.30 -5.62 -1.24
N SER A 29 -3.38 -6.75 -0.55
CA SER A 29 -2.36 -7.80 -0.67
C SER A 29 -2.12 -8.15 -2.14
N HIS A 30 -3.20 -8.39 -2.87
CA HIS A 30 -3.10 -8.73 -4.29
C HIS A 30 -2.73 -7.51 -5.11
N LEU A 31 -3.41 -6.39 -4.85
CA LEU A 31 -3.15 -5.15 -5.58
C LEU A 31 -1.68 -4.77 -5.51
N ALA A 32 -1.01 -5.24 -4.47
CA ALA A 32 0.42 -4.96 -4.29
C ALA A 32 1.26 -5.75 -5.27
N GLN A 33 1.03 -7.06 -5.31
CA GLN A 33 1.78 -7.94 -6.20
C GLN A 33 1.38 -7.72 -7.66
N CYS A 34 0.12 -7.35 -7.87
CA CYS A 34 -0.37 -7.09 -9.21
C CYS A 34 0.22 -5.76 -9.70
N LEU A 35 0.37 -4.84 -8.76
CA LEU A 35 0.92 -3.52 -9.07
C LEU A 35 2.35 -3.64 -9.58
N ALA A 36 3.19 -4.34 -8.82
CA ALA A 36 4.58 -4.52 -9.21
C ALA A 36 4.70 -5.14 -10.59
N GLU A 37 3.77 -6.04 -10.91
CA GLU A 37 3.78 -6.71 -12.21
C GLU A 37 3.10 -5.85 -13.26
N SER A 38 2.36 -4.84 -12.81
CA SER A 38 1.66 -3.94 -13.71
C SER A 38 2.64 -3.08 -14.51
N THR A 39 2.38 -2.95 -15.80
CA THR A 39 3.25 -2.16 -16.68
C THR A 39 3.27 -0.69 -16.26
N GLU A 40 2.09 -0.11 -16.13
CA GLU A 40 1.97 1.29 -15.73
C GLU A 40 1.23 1.42 -14.40
N ASP A 41 1.83 2.16 -13.47
CA ASP A 41 1.22 2.36 -12.15
C ASP A 41 0.05 3.34 -12.23
N VAL A 42 -1.07 2.87 -12.77
CA VAL A 42 -2.26 3.69 -12.91
C VAL A 42 -2.98 3.84 -11.57
N THR A 43 -3.68 4.95 -11.41
CA THR A 43 -4.41 5.22 -10.17
C THR A 43 -5.89 4.90 -10.33
N TRP A 44 -6.34 3.85 -9.65
CA TRP A 44 -7.74 3.45 -9.72
C TRP A 44 -8.47 3.77 -8.42
N SER B 1 0.26 13.14 19.21
CA SER B 1 -0.69 12.62 18.23
C SER B 1 0.03 11.83 17.14
N HIS B 2 1.15 11.22 17.50
CA HIS B 2 1.93 10.44 16.56
C HIS B 2 1.45 8.98 16.53
N MET B 3 0.94 8.56 15.37
CA MET B 3 0.45 7.21 15.21
C MET B 3 1.55 6.29 14.69
N GLN B 4 1.29 4.98 14.73
CA GLN B 4 2.26 4.00 14.26
C GLN B 4 1.68 3.14 13.16
N ILE B 5 2.47 2.90 12.12
CA ILE B 5 2.02 2.09 10.98
C ILE B 5 2.98 0.93 10.73
N PHE B 6 2.46 -0.13 10.12
CA PHE B 6 3.27 -1.30 9.81
C PHE B 6 3.39 -1.51 8.31
N VAL B 7 4.61 -1.40 7.79
CA VAL B 7 4.85 -1.57 6.36
C VAL B 7 5.32 -2.99 6.05
N LYS B 8 4.47 -3.75 5.38
CA LYS B 8 4.80 -5.13 5.03
C LYS B 8 5.25 -5.22 3.58
N THR B 9 6.53 -5.53 3.38
CA THR B 9 7.09 -5.65 2.04
C THR B 9 6.45 -6.79 1.28
N LEU B 10 6.73 -6.86 -0.02
CA LEU B 10 6.18 -7.91 -0.87
C LEU B 10 6.86 -9.25 -0.61
N THR B 11 7.92 -9.21 0.20
CA THR B 11 8.67 -10.41 0.54
C THR B 11 8.17 -11.02 1.84
N GLY B 12 7.36 -10.26 2.57
CA GLY B 12 6.82 -10.74 3.83
C GLY B 12 7.39 -10.01 5.03
N LYS B 13 8.49 -9.29 4.81
CA LYS B 13 9.13 -8.53 5.87
C LYS B 13 8.14 -7.64 6.59
N THR B 14 8.25 -7.55 7.91
CA THR B 14 7.36 -6.73 8.71
C THR B 14 8.10 -5.56 9.35
N ILE B 15 7.90 -4.37 8.78
CA ILE B 15 8.54 -3.17 9.29
C ILE B 15 7.60 -2.36 10.17
N THR B 16 8.13 -1.78 11.24
CA THR B 16 7.33 -0.99 12.16
C THR B 16 7.87 0.45 12.24
N LEU B 17 7.12 1.38 11.66
CA LEU B 17 7.51 2.78 11.67
C LEU B 17 6.41 3.66 12.26
N GLU B 18 6.72 4.93 12.48
CA GLU B 18 5.76 5.87 13.04
C GLU B 18 5.52 7.03 12.08
N VAL B 19 4.24 7.30 11.80
CA VAL B 19 3.88 8.40 10.91
C VAL B 19 2.86 9.32 11.55
N GLU B 20 2.44 10.34 10.82
CA GLU B 20 1.46 11.30 11.31
C GLU B 20 0.35 11.52 10.30
N PRO B 21 -0.79 12.06 10.77
CA PRO B 21 -1.95 12.33 9.92
C PRO B 21 -1.70 13.49 8.95
N SER B 22 -0.59 14.20 9.16
CA SER B 22 -0.25 15.33 8.31
C SER B 22 0.88 14.95 7.35
N ASP B 23 1.64 13.92 7.71
CA ASP B 23 2.75 13.45 6.88
C ASP B 23 2.26 13.05 5.50
N THR B 24 3.17 12.51 4.68
CA THR B 24 2.84 12.08 3.34
C THR B 24 3.40 10.70 3.05
N ILE B 25 2.88 10.05 2.01
CA ILE B 25 3.33 8.72 1.63
C ILE B 25 4.84 8.70 1.38
N GLU B 26 5.32 9.71 0.66
CA GLU B 26 6.74 9.82 0.36
C GLU B 26 7.58 9.71 1.63
N ASN B 27 7.04 10.23 2.72
CA ASN B 27 7.74 10.19 4.01
C ASN B 27 7.89 8.75 4.51
N VAL B 28 6.79 7.99 4.41
CA VAL B 28 6.79 6.61 4.86
C VAL B 28 7.82 5.78 4.09
N LYS B 29 8.09 6.19 2.86
CA LYS B 29 9.05 5.49 2.02
C LYS B 29 10.49 5.86 2.40
N ALA B 30 10.66 7.06 2.92
CA ALA B 30 11.99 7.53 3.33
C ALA B 30 12.45 6.81 4.61
N LYS B 31 11.49 6.44 5.44
CA LYS B 31 11.79 5.74 6.69
C LYS B 31 12.11 4.28 6.43
N ILE B 32 11.24 3.62 5.68
CA ILE B 32 11.44 2.21 5.36
C ILE B 32 12.81 1.96 4.75
N GLN B 33 13.32 2.96 4.03
CA GLN B 33 14.64 2.85 3.40
C GLN B 33 15.71 2.59 4.44
N ASP B 34 15.57 3.20 5.61
CA ASP B 34 16.54 3.03 6.68
C ASP B 34 16.32 1.70 7.41
N LYS B 35 15.18 1.07 7.13
CA LYS B 35 14.85 -0.21 7.76
C LYS B 35 15.21 -1.37 6.85
N GLU B 36 14.53 -1.46 5.72
CA GLU B 36 14.78 -2.53 4.76
C GLU B 36 16.06 -2.26 3.96
N GLY B 37 16.21 -1.02 3.50
CA GLY B 37 17.39 -0.66 2.74
C GLY B 37 17.09 -0.40 1.28
N ILE B 38 15.82 -0.13 0.99
CA ILE B 38 15.38 0.14 -0.38
C ILE B 38 14.99 1.60 -0.55
N PRO B 39 15.30 2.15 -1.74
CA PRO B 39 14.99 3.55 -2.06
C PRO B 39 13.49 3.79 -2.23
N PRO B 40 13.02 4.97 -1.80
CA PRO B 40 11.61 5.35 -1.88
C PRO B 40 11.16 5.59 -3.32
N ASP B 41 12.14 5.68 -4.23
CA ASP B 41 11.85 5.91 -5.64
C ASP B 41 11.50 4.61 -6.34
N GLN B 42 11.55 3.51 -5.59
CA GLN B 42 11.26 2.19 -6.15
C GLN B 42 10.11 1.53 -5.38
N GLN B 43 10.10 1.73 -4.08
CA GLN B 43 9.06 1.14 -3.23
C GLN B 43 7.81 2.03 -3.20
N ARG B 44 6.65 1.40 -3.22
CA ARG B 44 5.39 2.13 -3.20
C ARG B 44 4.53 1.70 -2.02
N LEU B 45 3.35 2.31 -1.90
CA LEU B 45 2.44 1.99 -0.81
C LEU B 45 1.05 1.65 -1.34
N ILE B 46 0.37 0.74 -0.66
CA ILE B 46 -0.97 0.32 -1.07
C ILE B 46 -1.89 0.20 0.14
N PHE B 47 -3.07 0.83 0.04
CA PHE B 47 -4.04 0.79 1.12
C PHE B 47 -5.39 1.35 0.65
N ALA B 48 -6.46 0.79 1.19
CA ALA B 48 -7.81 1.23 0.83
C ALA B 48 -8.11 0.95 -0.63
N GLY B 49 -7.42 -0.02 -1.20
CA GLY B 49 -7.62 -0.38 -2.59
C GLY B 49 -7.20 0.73 -3.54
N LYS B 50 -6.23 1.54 -3.11
CA LYS B 50 -5.74 2.64 -3.92
C LYS B 50 -4.23 2.79 -3.79
N GLN B 51 -3.60 3.35 -4.82
CA GLN B 51 -2.15 3.55 -4.81
C GLN B 51 -1.79 4.81 -4.03
N LEU B 52 -1.17 4.62 -2.87
CA LEU B 52 -0.76 5.74 -2.03
C LEU B 52 0.55 6.34 -2.51
N GLU B 53 0.55 7.64 -2.78
CA GLU B 53 1.74 8.33 -3.25
C GLU B 53 1.89 9.69 -2.58
N ASP B 54 2.96 10.40 -2.91
CA ASP B 54 3.21 11.72 -2.34
C ASP B 54 2.12 12.71 -2.72
N GLY B 55 1.34 12.35 -3.75
CA GLY B 55 0.25 13.21 -4.19
C GLY B 55 -0.78 13.45 -3.11
N ARG B 56 -0.77 12.62 -2.08
CA ARG B 56 -1.71 12.75 -0.98
C ARG B 56 -1.02 12.49 0.36
N THR B 57 -1.72 12.82 1.45
CA THR B 57 -1.18 12.63 2.79
C THR B 57 -1.80 11.42 3.46
N LEU B 58 -1.38 11.14 4.69
CA LEU B 58 -1.91 10.02 5.45
C LEU B 58 -3.40 10.19 5.72
N SER B 59 -3.78 11.37 6.20
CA SER B 59 -5.17 11.66 6.50
C SER B 59 -6.04 11.60 5.24
N ASP B 60 -5.37 11.64 4.08
CA ASP B 60 -6.08 11.59 2.80
C ASP B 60 -6.61 10.18 2.55
N TYR B 61 -5.86 9.17 2.97
CA TYR B 61 -6.27 7.79 2.78
C TYR B 61 -6.86 7.21 4.07
N ASN B 62 -7.19 8.09 5.01
CA ASN B 62 -7.77 7.68 6.28
C ASN B 62 -6.92 6.59 6.93
N ILE B 63 -5.60 6.77 6.87
CA ILE B 63 -4.67 5.81 7.46
C ILE B 63 -4.55 6.03 8.96
N GLN B 64 -5.17 5.15 9.75
CA GLN B 64 -5.11 5.24 11.20
C GLN B 64 -3.98 4.38 11.76
N LYS B 65 -3.90 4.31 13.08
CA LYS B 65 -2.88 3.52 13.74
C LYS B 65 -2.98 2.05 13.36
N GLU B 66 -1.86 1.35 13.40
CA GLU B 66 -1.83 -0.07 13.06
C GLU B 66 -2.47 -0.32 11.69
N SER B 67 -2.01 0.41 10.69
CA SER B 67 -2.54 0.28 9.33
C SER B 67 -1.72 -0.71 8.52
N THR B 68 -2.41 -1.66 7.90
CA THR B 68 -1.75 -2.68 7.10
C THR B 68 -1.37 -2.13 5.72
N LEU B 69 -0.22 -1.49 5.64
CA LEU B 69 0.25 -0.92 4.38
C LEU B 69 1.23 -1.86 3.69
N HIS B 70 0.93 -2.20 2.44
CA HIS B 70 1.79 -3.08 1.67
C HIS B 70 2.85 -2.30 0.91
N LEU B 71 3.84 -3.01 0.36
CA LEU B 71 4.90 -2.37 -0.39
C LEU B 71 5.04 -2.99 -1.78
N VAL B 72 5.34 -2.16 -2.77
CA VAL B 72 5.51 -2.63 -4.15
C VAL B 72 6.75 -2.03 -4.78
N LEU B 73 7.69 -2.90 -5.19
CA LEU B 73 8.92 -2.46 -5.81
C LEU B 73 8.91 -2.76 -7.31
N ARG B 74 8.89 -1.70 -8.11
CA ARG B 74 8.87 -1.84 -9.56
C ARG B 74 10.18 -1.36 -10.17
N LEU B 75 11.21 -2.20 -10.07
CA LEU B 75 12.53 -1.87 -10.61
C LEU B 75 12.42 -1.43 -12.07
N ARG B 76 13.23 -0.44 -12.45
CA ARG B 76 13.23 0.06 -13.81
C ARG B 76 13.87 -0.94 -14.76
N GLY B 77 13.76 -0.67 -16.07
CA GLY B 77 14.32 -1.56 -17.06
C GLY B 77 15.82 -1.37 -17.23
N GLY B 78 16.57 -1.71 -16.18
CA GLY B 78 18.01 -1.57 -16.23
C GLY B 78 18.72 -2.91 -16.29
ZN ZN C . -4.41 -8.69 -10.09
N SER A 1 -25.08 -11.71 -2.29
CA SER A 1 -23.68 -11.40 -1.99
C SER A 1 -23.58 -10.06 -1.25
N HIS A 2 -23.67 -10.12 0.08
CA HIS A 2 -23.59 -8.92 0.90
C HIS A 2 -22.16 -8.68 1.37
N MET A 3 -21.54 -7.61 0.88
CA MET A 3 -20.18 -7.28 1.26
C MET A 3 -20.16 -6.13 2.26
N GLY A 4 -19.07 -6.05 3.04
CA GLY A 4 -18.96 -4.99 4.02
C GLY A 4 -17.66 -4.22 3.89
N ALA A 5 -16.71 -4.52 4.77
CA ALA A 5 -15.40 -3.86 4.75
C ALA A 5 -14.63 -4.22 3.49
N ALA A 6 -14.45 -3.24 2.61
CA ALA A 6 -13.71 -3.45 1.37
C ALA A 6 -13.50 -2.15 0.62
N ALA A 7 -12.91 -2.24 -0.57
CA ALA A 7 -12.65 -1.05 -1.38
C ALA A 7 -12.98 -1.30 -2.85
N LEU A 8 -12.55 -2.46 -3.35
CA LEU A 8 -12.80 -2.83 -4.74
C LEU A 8 -13.49 -4.19 -4.83
N ARG A 9 -14.04 -4.48 -6.00
CA ARG A 9 -14.74 -5.75 -6.21
C ARG A 9 -14.04 -6.58 -7.29
N SER A 10 -13.20 -5.91 -8.09
CA SER A 10 -12.48 -6.58 -9.15
C SER A 10 -11.17 -5.87 -9.45
N CYS A 11 -10.07 -6.62 -9.46
CA CYS A 11 -8.75 -6.06 -9.72
C CYS A 11 -8.75 -5.26 -11.02
N PRO A 12 -8.68 -3.92 -10.89
CA PRO A 12 -8.68 -3.02 -12.03
C PRO A 12 -7.39 -3.11 -12.84
N MET A 13 -6.45 -3.93 -12.37
CA MET A 13 -5.18 -4.11 -13.05
C MET A 13 -5.24 -5.27 -14.03
N CYS A 14 -5.65 -6.44 -13.53
CA CYS A 14 -5.75 -7.63 -14.37
C CYS A 14 -7.21 -8.06 -14.51
N GLN A 15 -8.13 -7.13 -14.27
CA GLN A 15 -9.55 -7.41 -14.38
C GLN A 15 -9.89 -8.77 -13.76
N LYS A 16 -9.62 -8.90 -12.46
CA LYS A 16 -9.90 -10.14 -11.74
C LYS A 16 -10.85 -9.90 -10.58
N GLU A 17 -12.09 -10.35 -10.74
CA GLU A 17 -13.10 -10.18 -9.70
C GLU A 17 -12.60 -10.75 -8.37
N PHE A 18 -12.49 -9.88 -7.37
CA PHE A 18 -12.03 -10.29 -6.04
C PHE A 18 -13.08 -11.15 -5.34
N ALA A 19 -12.62 -12.02 -4.45
CA ALA A 19 -13.51 -12.91 -3.72
C ALA A 19 -14.52 -12.10 -2.90
N PRO A 20 -15.73 -12.67 -2.72
CA PRO A 20 -16.79 -12.03 -1.95
C PRO A 20 -16.49 -11.97 -0.46
N ARG A 21 -17.30 -11.21 0.27
CA ARG A 21 -17.11 -11.07 1.71
C ARG A 21 -15.63 -10.98 2.06
N LEU A 22 -14.88 -10.24 1.25
CA LEU A 22 -13.45 -10.08 1.47
C LEU A 22 -13.18 -8.94 2.45
N THR A 23 -11.90 -8.65 2.68
CA THR A 23 -11.51 -7.59 3.59
C THR A 23 -10.53 -6.62 2.93
N GLN A 24 -10.39 -5.43 3.51
CA GLN A 24 -9.50 -4.42 2.97
C GLN A 24 -8.11 -5.01 2.73
N LEU A 25 -7.69 -5.91 3.60
CA LEU A 25 -6.38 -6.54 3.49
C LEU A 25 -6.36 -7.53 2.33
N ASP A 26 -7.46 -8.26 2.17
CA ASP A 26 -7.57 -9.25 1.10
C ASP A 26 -7.24 -8.62 -0.25
N VAL A 27 -7.87 -7.49 -0.55
CA VAL A 27 -7.65 -6.79 -1.81
C VAL A 27 -6.22 -6.24 -1.88
N ASP A 28 -5.84 -5.48 -0.87
CA ASP A 28 -4.50 -4.89 -0.83
C ASP A 28 -3.43 -5.96 -1.05
N SER A 29 -3.71 -7.18 -0.61
CA SER A 29 -2.77 -8.28 -0.76
C SER A 29 -2.47 -8.54 -2.23
N HIS A 30 -3.52 -8.75 -3.02
CA HIS A 30 -3.37 -9.00 -4.45
C HIS A 30 -2.94 -7.73 -5.18
N LEU A 31 -3.43 -6.59 -4.72
CA LEU A 31 -3.11 -5.31 -5.33
C LEU A 31 -1.59 -5.13 -5.43
N ALA A 32 -0.89 -5.41 -4.34
CA ALA A 32 0.56 -5.28 -4.31
C ALA A 32 1.22 -6.32 -5.20
N GLN A 33 0.61 -7.50 -5.28
CA GLN A 33 1.13 -8.58 -6.11
C GLN A 33 0.91 -8.30 -7.59
N CYS A 34 -0.17 -7.61 -7.90
CA CYS A 34 -0.48 -7.29 -9.28
C CYS A 34 0.43 -6.14 -9.72
N LEU A 35 0.40 -5.06 -8.95
CA LEU A 35 1.21 -3.88 -9.24
C LEU A 35 2.67 -4.27 -9.44
N ALA A 36 3.25 -4.91 -8.43
CA ALA A 36 4.65 -5.33 -8.50
C ALA A 36 4.89 -6.21 -9.72
N GLU A 37 3.88 -6.98 -10.11
CA GLU A 37 3.98 -7.86 -11.26
C GLU A 37 3.84 -7.08 -12.57
N SER A 38 3.23 -5.90 -12.48
CA SER A 38 3.03 -5.06 -13.65
C SER A 38 4.15 -4.04 -13.79
N THR A 39 4.13 -3.28 -14.88
CA THR A 39 5.15 -2.27 -15.13
C THR A 39 4.51 -0.90 -15.35
N GLU A 40 3.20 -0.82 -15.20
CA GLU A 40 2.48 0.43 -15.38
C GLU A 40 2.14 1.07 -14.04
N ASP A 41 2.05 2.39 -14.03
CA ASP A 41 1.73 3.13 -12.81
C ASP A 41 0.29 3.63 -12.83
N VAL A 42 -0.65 2.71 -12.98
CA VAL A 42 -2.06 3.05 -13.03
C VAL A 42 -2.60 3.34 -11.62
N THR A 43 -3.60 4.20 -11.54
CA THR A 43 -4.20 4.57 -10.27
C THR A 43 -5.66 4.16 -10.21
N TRP A 44 -5.98 3.22 -9.34
CA TRP A 44 -7.35 2.74 -9.19
C TRP A 44 -7.97 3.23 -7.89
N SER B 1 0.93 15.36 17.94
CA SER B 1 0.30 14.06 17.72
C SER B 1 1.10 13.23 16.72
N HIS B 2 1.57 12.06 17.17
CA HIS B 2 2.35 11.17 16.32
C HIS B 2 1.85 9.74 16.45
N MET B 3 1.53 9.13 15.31
CA MET B 3 1.05 7.75 15.28
C MET B 3 2.11 6.80 14.73
N GLN B 4 1.87 5.51 14.85
CA GLN B 4 2.80 4.51 14.36
C GLN B 4 2.13 3.57 13.37
N ILE B 5 2.86 3.22 12.31
CA ILE B 5 2.33 2.32 11.28
C ILE B 5 3.28 1.16 11.02
N PHE B 6 2.82 0.19 10.25
CA PHE B 6 3.63 -0.98 9.91
C PHE B 6 3.65 -1.22 8.41
N VAL B 7 4.83 -1.56 7.89
CA VAL B 7 4.98 -1.82 6.47
C VAL B 7 5.43 -3.25 6.21
N LYS B 8 4.54 -4.06 5.62
CA LYS B 8 4.85 -5.45 5.32
C LYS B 8 5.14 -5.63 3.83
N THR B 9 6.37 -6.05 3.53
CA THR B 9 6.77 -6.27 2.14
C THR B 9 6.13 -7.52 1.58
N LEU B 10 6.31 -7.73 0.28
CA LEU B 10 5.75 -8.91 -0.39
C LEU B 10 6.61 -10.15 -0.14
N THR B 11 7.69 -9.96 0.60
CA THR B 11 8.60 -11.06 0.91
C THR B 11 8.19 -11.74 2.22
N GLY B 12 7.30 -11.10 2.96
CA GLY B 12 6.84 -11.67 4.23
C GLY B 12 7.52 -11.04 5.42
N LYS B 13 8.18 -9.90 5.20
CA LYS B 13 8.87 -9.19 6.27
C LYS B 13 8.01 -8.08 6.84
N THR B 14 8.13 -7.84 8.14
CA THR B 14 7.36 -6.80 8.81
C THR B 14 8.25 -5.63 9.22
N ILE B 15 7.77 -4.42 9.01
CA ILE B 15 8.53 -3.22 9.36
C ILE B 15 7.69 -2.28 10.22
N THR B 16 8.33 -1.65 11.19
CA THR B 16 7.65 -0.71 12.08
C THR B 16 8.25 0.68 11.98
N LEU B 17 7.39 1.68 11.82
CA LEU B 17 7.83 3.06 11.71
C LEU B 17 6.79 4.02 12.27
N GLU B 18 7.15 5.29 12.39
CA GLU B 18 6.23 6.30 12.91
C GLU B 18 5.81 7.27 11.80
N VAL B 19 4.58 7.77 11.90
CA VAL B 19 4.04 8.69 10.92
C VAL B 19 3.07 9.67 11.55
N GLU B 20 2.52 10.58 10.74
CA GLU B 20 1.58 11.57 11.23
C GLU B 20 0.46 11.81 10.21
N PRO B 21 -0.65 12.38 10.68
CA PRO B 21 -1.81 12.68 9.83
C PRO B 21 -1.52 13.80 8.84
N SER B 22 -0.43 14.52 9.06
CA SER B 22 -0.05 15.63 8.19
C SER B 22 1.01 15.19 7.18
N ASP B 23 1.74 14.13 7.53
CA ASP B 23 2.78 13.61 6.65
C ASP B 23 2.20 13.15 5.32
N THR B 24 3.03 12.51 4.50
CA THR B 24 2.60 12.03 3.20
C THR B 24 3.09 10.60 2.96
N ILE B 25 2.57 9.97 1.91
CA ILE B 25 2.95 8.61 1.56
C ILE B 25 4.44 8.52 1.25
N GLU B 26 4.91 9.41 0.39
CA GLU B 26 6.32 9.44 0.01
C GLU B 26 7.23 9.46 1.24
N ASN B 27 6.77 10.16 2.27
CA ASN B 27 7.54 10.27 3.51
C ASN B 27 7.77 8.90 4.13
N VAL B 28 6.69 8.12 4.27
CA VAL B 28 6.79 6.79 4.85
C VAL B 28 7.78 5.93 4.07
N LYS B 29 7.99 6.26 2.81
CA LYS B 29 8.92 5.51 1.95
C LYS B 29 10.36 5.89 2.27
N ALA B 30 10.56 7.11 2.75
CA ALA B 30 11.89 7.59 3.10
C ALA B 30 12.36 7.01 4.43
N LYS B 31 11.40 6.74 5.32
CA LYS B 31 11.72 6.18 6.63
C LYS B 31 12.00 4.69 6.54
N ILE B 32 11.40 4.04 5.55
CA ILE B 32 11.59 2.61 5.34
C ILE B 32 12.93 2.33 4.67
N GLN B 33 13.41 3.29 3.88
CA GLN B 33 14.67 3.16 3.17
C GLN B 33 15.80 2.81 4.15
N ASP B 34 15.87 3.54 5.24
CA ASP B 34 16.91 3.31 6.25
C ASP B 34 16.66 2.00 6.97
N LYS B 35 15.49 1.41 6.77
CA LYS B 35 15.14 0.15 7.40
C LYS B 35 15.49 -1.03 6.49
N GLU B 36 14.79 -1.12 5.36
CA GLU B 36 15.03 -2.20 4.41
C GLU B 36 16.25 -1.90 3.55
N GLY B 37 16.32 -0.68 3.04
CA GLY B 37 17.45 -0.29 2.20
C GLY B 37 17.04 -0.07 0.76
N ILE B 38 15.84 0.47 0.56
CA ILE B 38 15.34 0.72 -0.78
C ILE B 38 14.86 2.16 -0.92
N PRO B 39 15.10 2.76 -2.09
CA PRO B 39 14.70 4.14 -2.38
C PRO B 39 13.19 4.30 -2.51
N PRO B 40 12.67 5.45 -2.06
CA PRO B 40 11.23 5.74 -2.11
C PRO B 40 10.74 5.95 -3.54
N ASP B 41 11.67 6.10 -4.47
CA ASP B 41 11.32 6.31 -5.88
C ASP B 41 11.05 4.98 -6.56
N GLN B 42 11.18 3.90 -5.82
CA GLN B 42 10.95 2.56 -6.36
C GLN B 42 9.87 1.83 -5.57
N GLN B 43 9.87 2.03 -4.25
CA GLN B 43 8.89 1.39 -3.38
C GLN B 43 7.59 2.19 -3.35
N ARG B 44 6.48 1.50 -3.07
CA ARG B 44 5.18 2.15 -3.00
C ARG B 44 4.37 1.62 -1.83
N LEU B 45 3.16 2.15 -1.67
CA LEU B 45 2.29 1.74 -0.57
C LEU B 45 0.89 1.39 -1.10
N ILE B 46 0.21 0.51 -0.38
CA ILE B 46 -1.13 0.09 -0.77
C ILE B 46 -2.06 0.01 0.44
N PHE B 47 -3.11 0.83 0.43
CA PHE B 47 -4.07 0.84 1.52
C PHE B 47 -5.43 1.36 1.05
N ALA B 48 -6.50 0.84 1.65
CA ALA B 48 -7.84 1.25 1.29
C ALA B 48 -8.18 0.85 -0.14
N GLY B 49 -7.47 -0.17 -0.66
CA GLY B 49 -7.71 -0.62 -2.01
C GLY B 49 -7.33 0.41 -3.05
N LYS B 50 -6.36 1.25 -2.72
CA LYS B 50 -5.90 2.29 -3.63
C LYS B 50 -4.39 2.48 -3.53
N GLN B 51 -3.80 2.98 -4.61
CA GLN B 51 -2.35 3.21 -4.64
C GLN B 51 -1.99 4.49 -3.89
N LEU B 52 -1.34 4.33 -2.74
CA LEU B 52 -0.94 5.47 -1.92
C LEU B 52 0.30 6.14 -2.50
N GLU B 53 0.27 7.47 -2.59
CA GLU B 53 1.39 8.23 -3.13
C GLU B 53 1.40 9.65 -2.57
N ASP B 54 2.46 10.39 -2.88
CA ASP B 54 2.58 11.77 -2.41
C ASP B 54 1.34 12.59 -2.77
N GLY B 55 0.65 12.16 -3.82
CA GLY B 55 -0.55 12.86 -4.25
C GLY B 55 -1.52 13.11 -3.10
N ARG B 56 -1.49 12.23 -2.11
CA ARG B 56 -2.37 12.35 -0.95
C ARG B 56 -1.62 12.07 0.35
N THR B 57 -2.02 12.75 1.42
CA THR B 57 -1.38 12.58 2.72
C THR B 57 -1.93 11.35 3.44
N LEU B 58 -1.42 11.11 4.64
CA LEU B 58 -1.86 9.97 5.44
C LEU B 58 -3.34 10.10 5.80
N SER B 59 -3.73 11.27 6.27
CA SER B 59 -5.12 11.53 6.66
C SER B 59 -6.05 11.33 5.47
N ASP B 60 -5.55 11.62 4.28
CA ASP B 60 -6.35 11.47 3.06
C ASP B 60 -6.80 10.02 2.88
N TYR B 61 -5.97 9.09 3.36
CA TYR B 61 -6.29 7.67 3.25
C TYR B 61 -6.84 7.13 4.57
N ASN B 62 -7.18 8.04 5.47
CA ASN B 62 -7.72 7.66 6.77
C ASN B 62 -6.84 6.61 7.45
N ILE B 63 -5.54 6.68 7.16
CA ILE B 63 -4.58 5.74 7.75
C ILE B 63 -4.43 5.98 9.25
N GLN B 64 -4.92 5.05 10.05
CA GLN B 64 -4.82 5.16 11.50
C GLN B 64 -3.59 4.45 12.03
N LYS B 65 -3.50 4.31 13.34
CA LYS B 65 -2.36 3.64 13.97
C LYS B 65 -2.38 2.14 13.68
N GLU B 66 -1.21 1.52 13.74
CA GLU B 66 -1.09 0.08 13.49
C GLU B 66 -1.74 -0.29 12.16
N SER B 67 -1.36 0.42 11.10
CA SER B 67 -1.91 0.17 9.77
C SER B 67 -1.13 -0.92 9.05
N THR B 68 -1.78 -1.62 8.14
CA THR B 68 -1.15 -2.68 7.38
C THR B 68 -0.91 -2.27 5.94
N LEU B 69 0.19 -1.57 5.69
CA LEU B 69 0.53 -1.11 4.35
C LEU B 69 1.45 -2.10 3.65
N HIS B 70 1.23 -2.32 2.37
CA HIS B 70 2.05 -3.23 1.58
C HIS B 70 3.20 -2.50 0.90
N LEU B 71 4.26 -3.23 0.59
CA LEU B 71 5.43 -2.63 -0.06
C LEU B 71 5.62 -3.22 -1.46
N VAL B 72 5.52 -2.35 -2.47
CA VAL B 72 5.69 -2.78 -3.85
C VAL B 72 6.82 -2.02 -4.54
N LEU B 73 7.74 -2.76 -5.13
CA LEU B 73 8.88 -2.15 -5.82
C LEU B 73 8.75 -2.31 -7.34
N ARG B 74 8.70 -1.18 -8.04
CA ARG B 74 8.57 -1.20 -9.50
C ARG B 74 9.86 -0.71 -10.16
N LEU B 75 10.87 -1.57 -10.21
CA LEU B 75 12.15 -1.22 -10.81
C LEU B 75 11.95 -0.68 -12.22
N ARG B 76 13.03 -0.17 -12.80
CA ARG B 76 12.98 0.39 -14.15
C ARG B 76 13.99 -0.31 -15.05
N GLY B 77 13.95 -1.64 -15.08
CA GLY B 77 14.87 -2.40 -15.90
C GLY B 77 14.41 -3.82 -16.12
N GLY B 78 14.08 -4.52 -15.03
CA GLY B 78 13.62 -5.89 -15.14
C GLY B 78 13.50 -6.56 -13.77
ZN ZN C . -4.51 -8.46 -10.30
N SER A 1 -25.17 -4.34 7.65
CA SER A 1 -23.75 -4.13 7.34
C SER A 1 -22.91 -5.31 7.82
N HIS A 2 -22.91 -6.38 7.03
CA HIS A 2 -22.15 -7.58 7.37
C HIS A 2 -21.34 -8.06 6.17
N MET A 3 -21.00 -7.14 5.28
CA MET A 3 -20.23 -7.47 4.09
C MET A 3 -19.04 -6.52 3.94
N GLY A 4 -18.43 -6.16 5.06
CA GLY A 4 -17.28 -5.27 5.03
C GLY A 4 -16.22 -5.73 4.06
N ALA A 5 -16.07 -5.00 2.97
CA ALA A 5 -15.07 -5.34 1.95
C ALA A 5 -14.16 -4.14 1.67
N ALA A 6 -13.27 -4.32 0.69
CA ALA A 6 -12.34 -3.26 0.32
C ALA A 6 -13.02 -2.21 -0.55
N ALA A 7 -12.22 -1.32 -1.14
CA ALA A 7 -12.75 -0.26 -2.00
C ALA A 7 -12.97 -0.79 -3.43
N LEU A 8 -12.58 -2.03 -3.67
CA LEU A 8 -12.73 -2.63 -4.99
C LEU A 8 -13.09 -4.12 -4.86
N ARG A 9 -14.03 -4.56 -5.69
CA ARG A 9 -14.47 -5.95 -5.67
C ARG A 9 -13.85 -6.73 -6.83
N SER A 10 -13.11 -6.02 -7.68
CA SER A 10 -12.47 -6.63 -8.83
C SER A 10 -11.16 -5.93 -9.18
N CYS A 11 -10.08 -6.68 -9.22
CA CYS A 11 -8.76 -6.12 -9.53
C CYS A 11 -8.82 -5.33 -10.82
N PRO A 12 -8.75 -3.99 -10.70
CA PRO A 12 -8.78 -3.08 -11.85
C PRO A 12 -7.51 -3.17 -12.69
N MET A 13 -6.56 -3.99 -12.25
CA MET A 13 -5.31 -4.15 -12.97
C MET A 13 -5.38 -5.33 -13.93
N CYS A 14 -5.74 -6.49 -13.41
CA CYS A 14 -5.86 -7.71 -14.22
C CYS A 14 -7.31 -8.13 -14.36
N GLN A 15 -8.22 -7.20 -14.08
CA GLN A 15 -9.65 -7.48 -14.17
C GLN A 15 -9.99 -8.84 -13.57
N LYS A 16 -9.71 -8.98 -12.27
CA LYS A 16 -9.98 -10.23 -11.57
C LYS A 16 -10.88 -9.99 -10.36
N GLU A 17 -12.12 -10.49 -10.45
CA GLU A 17 -13.08 -10.33 -9.37
C GLU A 17 -12.56 -10.96 -8.08
N PHE A 18 -12.36 -10.12 -7.07
CA PHE A 18 -11.86 -10.58 -5.78
C PHE A 18 -12.90 -11.45 -5.07
N ALA A 19 -12.43 -12.35 -4.22
CA ALA A 19 -13.34 -13.23 -3.48
C ALA A 19 -14.32 -12.44 -2.64
N PRO A 20 -15.51 -13.01 -2.41
CA PRO A 20 -16.57 -12.37 -1.62
C PRO A 20 -16.22 -12.30 -0.15
N ARG A 21 -17.01 -11.54 0.61
CA ARG A 21 -16.78 -11.40 2.04
C ARG A 21 -15.29 -11.28 2.35
N LEU A 22 -14.58 -10.55 1.51
CA LEU A 22 -13.14 -10.36 1.68
C LEU A 22 -12.86 -9.22 2.65
N THR A 23 -11.58 -8.91 2.84
CA THR A 23 -11.18 -7.83 3.74
C THR A 23 -10.22 -6.86 3.05
N GLN A 24 -10.07 -5.68 3.64
CA GLN A 24 -9.18 -4.67 3.08
C GLN A 24 -7.79 -5.24 2.82
N LEU A 25 -7.37 -6.16 3.69
CA LEU A 25 -6.06 -6.79 3.56
C LEU A 25 -6.04 -7.76 2.38
N ASP A 26 -7.17 -8.39 2.12
CA ASP A 26 -7.29 -9.35 1.03
C ASP A 26 -7.01 -8.67 -0.32
N VAL A 27 -7.76 -7.61 -0.60
CA VAL A 27 -7.61 -6.88 -1.85
C VAL A 27 -6.24 -6.20 -1.92
N ASP A 28 -5.73 -5.80 -0.76
CA ASP A 28 -4.43 -5.14 -0.69
C ASP A 28 -3.30 -6.13 -0.96
N SER A 29 -3.50 -7.38 -0.52
CA SER A 29 -2.49 -8.42 -0.70
C SER A 29 -2.24 -8.67 -2.19
N HIS A 30 -3.30 -8.93 -2.93
CA HIS A 30 -3.19 -9.18 -4.36
C HIS A 30 -2.81 -7.91 -5.11
N LEU A 31 -3.40 -6.79 -4.71
CA LEU A 31 -3.12 -5.51 -5.34
C LEU A 31 -1.63 -5.23 -5.39
N ALA A 32 -0.96 -5.39 -4.26
CA ALA A 32 0.48 -5.17 -4.17
C ALA A 32 1.22 -5.98 -5.23
N GLN A 33 0.92 -7.28 -5.30
CA GLN A 33 1.56 -8.16 -6.26
C GLN A 33 1.24 -7.72 -7.69
N CYS A 34 -0.05 -7.56 -7.98
CA CYS A 34 -0.48 -7.15 -9.31
C CYS A 34 0.27 -5.87 -9.68
N LEU A 35 0.44 -5.01 -8.68
CA LEU A 35 1.14 -3.73 -8.88
C LEU A 35 2.55 -3.97 -9.43
N ALA A 36 3.34 -4.73 -8.69
CA ALA A 36 4.71 -5.03 -9.10
C ALA A 36 4.73 -5.71 -10.47
N GLU A 37 3.67 -6.45 -10.77
CA GLU A 37 3.57 -7.15 -12.05
C GLU A 37 2.84 -6.30 -13.08
N SER A 38 2.56 -5.05 -12.72
CA SER A 38 1.85 -4.14 -13.61
C SER A 38 2.81 -3.49 -14.60
N THR A 39 2.45 -3.55 -15.88
CA THR A 39 3.28 -2.98 -16.94
C THR A 39 3.33 -1.46 -16.84
N GLU A 40 2.30 -0.88 -16.22
CA GLU A 40 2.22 0.57 -16.06
C GLU A 40 1.68 0.93 -14.68
N ASP A 41 2.41 1.80 -13.98
CA ASP A 41 2.01 2.23 -12.65
C ASP A 41 0.96 3.34 -12.73
N VAL A 42 -0.30 2.94 -12.90
CA VAL A 42 -1.40 3.90 -12.99
C VAL A 42 -2.12 4.04 -11.66
N THR A 43 -3.05 4.98 -11.59
CA THR A 43 -3.81 5.22 -10.37
C THR A 43 -5.31 5.08 -10.62
N TRP A 44 -5.97 4.27 -9.81
CA TRP A 44 -7.41 4.05 -9.95
C TRP A 44 -8.18 4.74 -8.83
N SER B 1 3.35 11.82 20.12
CA SER B 1 2.95 13.01 19.38
C SER B 1 2.19 12.65 18.11
N HIS B 2 2.71 11.64 17.40
CA HIS B 2 2.09 11.19 16.15
C HIS B 2 1.64 9.74 16.27
N MET B 3 1.15 9.19 15.17
CA MET B 3 0.67 7.81 15.15
C MET B 3 1.74 6.88 14.57
N GLN B 4 1.47 5.58 14.62
CA GLN B 4 2.42 4.60 14.11
C GLN B 4 1.75 3.71 13.06
N ILE B 5 2.57 3.10 12.21
CA ILE B 5 2.06 2.23 11.15
C ILE B 5 3.00 1.05 10.92
N PHE B 6 2.48 0.02 10.24
CA PHE B 6 3.28 -1.16 9.95
C PHE B 6 3.32 -1.44 8.45
N VAL B 7 4.51 -1.35 7.87
CA VAL B 7 4.69 -1.59 6.44
C VAL B 7 5.33 -2.94 6.18
N LYS B 8 4.61 -3.79 5.45
CA LYS B 8 5.11 -5.13 5.13
C LYS B 8 5.41 -5.25 3.65
N THR B 9 6.50 -5.94 3.31
CA THR B 9 6.89 -6.14 1.93
C THR B 9 6.37 -7.46 1.38
N LEU B 10 6.68 -7.75 0.13
CA LEU B 10 6.25 -8.99 -0.50
C LEU B 10 7.12 -10.16 -0.06
N THR B 11 8.13 -9.86 0.74
CA THR B 11 9.03 -10.90 1.24
C THR B 11 8.54 -11.47 2.56
N GLY B 12 7.43 -10.93 3.05
CA GLY B 12 6.87 -11.41 4.31
C GLY B 12 7.36 -10.61 5.50
N LYS B 13 8.49 -9.91 5.32
CA LYS B 13 9.06 -9.10 6.39
C LYS B 13 8.09 -8.00 6.82
N THR B 14 8.02 -7.77 8.12
CA THR B 14 7.13 -6.74 8.67
C THR B 14 7.93 -5.60 9.27
N ILE B 15 7.64 -4.38 8.82
CA ILE B 15 8.34 -3.19 9.32
C ILE B 15 7.41 -2.33 10.16
N THR B 16 7.94 -1.75 11.22
CA THR B 16 7.16 -0.90 12.11
C THR B 16 7.80 0.49 12.24
N LEU B 17 7.17 1.48 11.62
CA LEU B 17 7.67 2.85 11.67
C LEU B 17 6.58 3.81 12.14
N GLU B 18 6.99 5.03 12.52
CA GLU B 18 6.05 6.03 12.98
C GLU B 18 5.77 7.07 11.89
N VAL B 19 4.53 7.54 11.84
CA VAL B 19 4.14 8.52 10.83
C VAL B 19 3.20 9.57 11.44
N GLU B 20 3.20 10.76 10.85
CA GLU B 20 2.34 11.84 11.32
C GLU B 20 1.08 11.96 10.47
N PRO B 21 0.02 12.54 11.05
CA PRO B 21 -1.26 12.72 10.36
C PRO B 21 -1.17 13.76 9.25
N SER B 22 -0.10 14.54 9.26
CA SER B 22 0.10 15.59 8.26
C SER B 22 1.15 15.16 7.23
N ASP B 23 1.83 14.05 7.52
CA ASP B 23 2.85 13.54 6.62
C ASP B 23 2.25 13.03 5.32
N THR B 24 3.08 12.44 4.47
CA THR B 24 2.62 11.91 3.19
C THR B 24 3.14 10.50 2.96
N ILE B 25 2.70 9.88 1.87
CA ILE B 25 3.12 8.53 1.54
C ILE B 25 4.63 8.47 1.28
N GLU B 26 5.13 9.41 0.51
CA GLU B 26 6.55 9.47 0.19
C GLU B 26 7.39 9.48 1.46
N ASN B 27 6.85 10.09 2.51
CA ASN B 27 7.55 10.17 3.78
C ASN B 27 7.68 8.80 4.42
N VAL B 28 6.60 8.02 4.37
CA VAL B 28 6.60 6.68 4.94
C VAL B 28 7.71 5.82 4.35
N LYS B 29 7.98 6.02 3.07
CA LYS B 29 9.02 5.26 2.38
C LYS B 29 10.40 5.83 2.70
N ALA B 30 10.45 7.13 2.99
CA ALA B 30 11.71 7.79 3.32
C ALA B 30 12.39 7.11 4.50
N LYS B 31 11.65 6.94 5.58
CA LYS B 31 12.18 6.30 6.79
C LYS B 31 12.39 4.81 6.57
N ILE B 32 11.46 4.19 5.83
CA ILE B 32 11.55 2.76 5.55
C ILE B 32 12.86 2.42 4.84
N GLN B 33 13.38 3.38 4.09
CA GLN B 33 14.62 3.18 3.35
C GLN B 33 15.75 2.79 4.30
N ASP B 34 15.88 3.53 5.40
CA ASP B 34 16.91 3.26 6.39
C ASP B 34 16.64 1.96 7.13
N LYS B 35 15.44 1.42 6.95
CA LYS B 35 15.04 0.18 7.59
C LYS B 35 15.43 -1.03 6.74
N GLU B 36 14.78 -1.16 5.58
CA GLU B 36 15.05 -2.26 4.67
C GLU B 36 16.26 -1.96 3.80
N GLY B 37 16.32 -0.75 3.26
CA GLY B 37 17.42 -0.35 2.40
C GLY B 37 17.01 -0.18 0.96
N ILE B 38 15.85 0.43 0.75
CA ILE B 38 15.34 0.66 -0.61
C ILE B 38 14.84 2.09 -0.76
N PRO B 39 15.08 2.67 -1.95
CA PRO B 39 14.66 4.04 -2.26
C PRO B 39 13.15 4.16 -2.41
N PRO B 40 12.61 5.30 -1.96
CA PRO B 40 11.16 5.57 -2.03
C PRO B 40 10.68 5.78 -3.47
N ASP B 41 11.62 5.96 -4.38
CA ASP B 41 11.29 6.17 -5.79
C ASP B 41 11.05 4.84 -6.49
N GLN B 42 11.19 3.74 -5.75
CA GLN B 42 10.99 2.41 -6.31
C GLN B 42 9.88 1.68 -5.56
N GLN B 43 9.83 1.86 -4.25
CA GLN B 43 8.82 1.21 -3.42
C GLN B 43 7.52 2.01 -3.43
N ARG B 44 6.40 1.31 -3.20
CA ARG B 44 5.10 1.95 -3.18
C ARG B 44 4.27 1.47 -1.99
N LEU B 45 3.10 2.06 -1.81
CA LEU B 45 2.21 1.70 -0.71
C LEU B 45 0.85 1.25 -1.23
N ILE B 46 0.17 0.41 -0.45
CA ILE B 46 -1.13 -0.09 -0.84
C ILE B 46 -2.08 -0.14 0.36
N PHE B 47 -3.06 0.76 0.37
CA PHE B 47 -4.02 0.83 1.46
C PHE B 47 -5.40 1.23 0.93
N ALA B 48 -6.45 0.70 1.57
CA ALA B 48 -7.82 1.00 1.16
C ALA B 48 -8.09 0.49 -0.25
N GLY B 49 -7.33 -0.49 -0.69
CA GLY B 49 -7.51 -1.04 -2.02
C GLY B 49 -7.02 -0.10 -3.10
N LYS B 50 -6.40 1.00 -2.70
CA LYS B 50 -5.89 1.98 -3.65
C LYS B 50 -4.39 2.20 -3.45
N GLN B 51 -3.72 2.65 -4.51
CA GLN B 51 -2.28 2.90 -4.45
C GLN B 51 -2.00 4.27 -3.87
N LEU B 52 -1.42 4.31 -2.67
CA LEU B 52 -1.09 5.56 -2.01
C LEU B 52 0.19 6.16 -2.59
N GLU B 53 0.17 7.46 -2.84
CA GLU B 53 1.33 8.16 -3.38
C GLU B 53 1.51 9.52 -2.72
N ASP B 54 2.56 10.23 -3.12
CA ASP B 54 2.85 11.54 -2.56
C ASP B 54 1.74 12.54 -2.91
N GLY B 55 0.93 12.17 -3.90
CA GLY B 55 -0.17 13.04 -4.31
C GLY B 55 -1.15 13.30 -3.20
N ARG B 56 -1.11 12.47 -2.16
CA ARG B 56 -2.00 12.62 -1.03
C ARG B 56 -1.26 12.42 0.29
N THR B 57 -1.90 12.79 1.40
CA THR B 57 -1.30 12.66 2.72
C THR B 57 -1.86 11.45 3.47
N LEU B 58 -1.39 11.24 4.68
CA LEU B 58 -1.84 10.12 5.50
C LEU B 58 -3.32 10.28 5.86
N SER B 59 -3.68 11.47 6.33
CA SER B 59 -5.06 11.75 6.72
C SER B 59 -5.99 11.70 5.51
N ASP B 60 -5.39 11.79 4.31
CA ASP B 60 -6.17 11.75 3.08
C ASP B 60 -6.66 10.34 2.78
N TYR B 61 -5.89 9.35 3.21
CA TYR B 61 -6.24 7.95 3.00
C TYR B 61 -6.84 7.34 4.26
N ASN B 62 -7.19 8.19 5.21
CA ASN B 62 -7.79 7.74 6.47
C ASN B 62 -6.93 6.65 7.09
N ILE B 63 -5.62 6.85 7.09
CA ILE B 63 -4.70 5.88 7.67
C ILE B 63 -4.60 6.04 9.18
N GLN B 64 -5.17 5.09 9.91
CA GLN B 64 -5.14 5.14 11.37
C GLN B 64 -3.90 4.43 11.91
N LYS B 65 -3.75 4.44 13.24
CA LYS B 65 -2.61 3.80 13.88
C LYS B 65 -2.63 2.29 13.65
N GLU B 66 -1.45 1.67 13.64
CA GLU B 66 -1.35 0.24 13.43
C GLU B 66 -1.95 -0.17 12.09
N SER B 67 -1.81 0.69 11.09
CA SER B 67 -2.34 0.43 9.76
C SER B 67 -1.48 -0.59 9.02
N THR B 68 -2.12 -1.55 8.38
CA THR B 68 -1.42 -2.59 7.63
C THR B 68 -1.42 -2.29 6.15
N LEU B 69 -0.26 -1.94 5.61
CA LEU B 69 -0.13 -1.63 4.19
C LEU B 69 0.89 -2.54 3.52
N HIS B 70 0.74 -2.73 2.21
CA HIS B 70 1.66 -3.58 1.45
C HIS B 70 2.65 -2.73 0.66
N LEU B 71 3.84 -3.29 0.43
CA LEU B 71 4.88 -2.59 -0.32
C LEU B 71 5.09 -3.23 -1.69
N VAL B 72 5.44 -2.40 -2.67
CA VAL B 72 5.68 -2.88 -4.03
C VAL B 72 6.83 -2.15 -4.68
N LEU B 73 7.81 -2.90 -5.18
CA LEU B 73 8.97 -2.31 -5.83
C LEU B 73 8.90 -2.50 -7.35
N ARG B 74 8.88 -1.39 -8.08
CA ARG B 74 8.82 -1.43 -9.53
C ARG B 74 10.12 -0.95 -10.16
N LEU B 75 11.13 -1.81 -10.14
CA LEU B 75 12.44 -1.48 -10.70
C LEU B 75 12.30 -0.95 -12.13
N ARG B 76 12.87 0.22 -12.38
CA ARG B 76 12.82 0.83 -13.70
C ARG B 76 14.18 0.80 -14.37
N GLY B 77 14.29 0.05 -15.46
CA GLY B 77 15.54 -0.05 -16.18
C GLY B 77 16.19 -1.41 -16.02
N GLY B 78 16.51 -1.77 -14.78
CA GLY B 78 17.14 -3.06 -14.53
C GLY B 78 17.60 -3.20 -13.09
ZN ZN C . -4.54 -8.53 -10.16
N SER A 1 -27.29 -6.85 4.24
CA SER A 1 -26.47 -5.66 4.02
C SER A 1 -25.15 -5.77 4.77
N HIS A 2 -24.48 -6.91 4.61
CA HIS A 2 -23.20 -7.13 5.28
C HIS A 2 -22.16 -7.64 4.28
N MET A 3 -21.22 -6.78 3.93
CA MET A 3 -20.17 -7.14 2.98
C MET A 3 -18.80 -7.14 3.67
N GLY A 4 -18.27 -5.94 3.91
CA GLY A 4 -16.98 -5.83 4.56
C GLY A 4 -16.31 -4.48 4.28
N ALA A 5 -15.00 -4.51 4.05
CA ALA A 5 -14.25 -3.31 3.77
C ALA A 5 -13.37 -3.48 2.54
N ALA A 6 -13.69 -2.75 1.47
CA ALA A 6 -12.93 -2.82 0.24
C ALA A 6 -13.43 -1.80 -0.78
N ALA A 7 -12.58 -0.85 -1.13
CA ALA A 7 -12.95 0.19 -2.09
C ALA A 7 -13.28 -0.41 -3.44
N LEU A 8 -12.79 -1.64 -3.68
CA LEU A 8 -13.04 -2.32 -4.94
C LEU A 8 -13.31 -3.81 -4.70
N ARG A 9 -13.99 -4.44 -5.65
CA ARG A 9 -14.31 -5.86 -5.54
C ARG A 9 -13.78 -6.62 -6.75
N SER A 10 -12.96 -5.96 -7.56
CA SER A 10 -12.38 -6.59 -8.74
C SER A 10 -11.07 -5.91 -9.12
N CYS A 11 -9.99 -6.69 -9.11
CA CYS A 11 -8.67 -6.17 -9.46
C CYS A 11 -8.70 -5.42 -10.79
N PRO A 12 -8.61 -4.08 -10.72
CA PRO A 12 -8.63 -3.23 -11.91
C PRO A 12 -7.36 -3.38 -12.75
N MET A 13 -6.43 -4.19 -12.27
CA MET A 13 -5.18 -4.42 -12.98
C MET A 13 -5.29 -5.61 -13.92
N CYS A 14 -5.72 -6.75 -13.37
CA CYS A 14 -5.87 -7.96 -14.17
C CYS A 14 -7.33 -8.41 -14.20
N GLN A 15 -8.23 -7.47 -13.95
CA GLN A 15 -9.66 -7.76 -13.96
C GLN A 15 -9.95 -9.08 -13.26
N LYS A 16 -9.73 -9.10 -11.95
CA LYS A 16 -9.98 -10.30 -11.15
C LYS A 16 -10.94 -10.01 -10.00
N GLU A 17 -12.16 -10.51 -10.12
CA GLU A 17 -13.18 -10.31 -9.10
C GLU A 17 -12.71 -10.87 -7.75
N PHE A 18 -12.46 -9.98 -6.80
CA PHE A 18 -12.01 -10.38 -5.48
C PHE A 18 -13.09 -11.20 -4.76
N ALA A 19 -12.66 -12.07 -3.85
CA ALA A 19 -13.58 -12.91 -3.10
C ALA A 19 -14.35 -12.09 -2.08
N PRO A 20 -15.60 -12.50 -1.81
CA PRO A 20 -16.48 -11.82 -0.85
C PRO A 20 -16.01 -11.99 0.59
N ARG A 21 -16.59 -11.21 1.49
CA ARG A 21 -16.22 -11.28 2.90
C ARG A 21 -14.74 -10.94 3.10
N LEU A 22 -14.15 -10.31 2.10
CA LEU A 22 -12.74 -9.95 2.16
C LEU A 22 -12.53 -8.72 3.03
N THR A 23 -11.30 -8.22 3.08
CA THR A 23 -10.98 -7.04 3.88
C THR A 23 -10.01 -6.13 3.15
N GLN A 24 -9.81 -4.93 3.68
CA GLN A 24 -8.91 -3.96 3.08
C GLN A 24 -7.55 -4.58 2.81
N LEU A 25 -7.13 -5.48 3.69
CA LEU A 25 -5.84 -6.15 3.55
C LEU A 25 -5.87 -7.16 2.41
N ASP A 26 -7.02 -7.75 2.18
CA ASP A 26 -7.19 -8.73 1.12
C ASP A 26 -6.99 -8.09 -0.26
N VAL A 27 -7.82 -7.10 -0.57
CA VAL A 27 -7.74 -6.40 -1.85
C VAL A 27 -6.36 -5.79 -2.05
N ASP A 28 -5.77 -5.30 -0.96
CA ASP A 28 -4.45 -4.69 -1.01
C ASP A 28 -3.37 -5.75 -1.24
N SER A 29 -3.51 -6.89 -0.56
CA SER A 29 -2.55 -7.97 -0.69
C SER A 29 -2.31 -8.32 -2.15
N HIS A 30 -3.39 -8.60 -2.87
CA HIS A 30 -3.29 -8.94 -4.28
C HIS A 30 -2.85 -7.74 -5.11
N LEU A 31 -3.51 -6.61 -4.91
CA LEU A 31 -3.19 -5.38 -5.64
C LEU A 31 -1.70 -5.05 -5.51
N ALA A 32 -1.10 -5.52 -4.42
CA ALA A 32 0.32 -5.28 -4.18
C ALA A 32 1.19 -6.10 -5.13
N GLN A 33 0.91 -7.40 -5.22
CA GLN A 33 1.67 -8.28 -6.09
C GLN A 33 1.30 -8.05 -7.55
N CYS A 34 0.06 -7.65 -7.80
CA CYS A 34 -0.39 -7.39 -9.15
C CYS A 34 0.27 -6.11 -9.65
N LEU A 35 0.68 -5.29 -8.70
CA LEU A 35 1.34 -4.02 -9.01
C LEU A 35 2.83 -4.22 -9.23
N ALA A 36 3.47 -4.90 -8.29
CA ALA A 36 4.91 -5.17 -8.38
C ALA A 36 5.21 -6.10 -9.54
N GLU A 37 4.19 -6.77 -10.05
CA GLU A 37 4.35 -7.70 -11.16
C GLU A 37 3.98 -7.04 -12.48
N SER A 38 3.12 -6.03 -12.41
CA SER A 38 2.68 -5.31 -13.61
C SER A 38 3.79 -4.42 -14.15
N THR A 39 3.60 -3.91 -15.36
CA THR A 39 4.58 -3.06 -16.00
C THR A 39 4.03 -1.66 -16.23
N GLU A 40 2.82 -1.42 -15.75
CA GLU A 40 2.17 -0.12 -15.90
C GLU A 40 1.91 0.52 -14.54
N ASP A 41 1.73 1.83 -14.54
CA ASP A 41 1.47 2.56 -13.30
C ASP A 41 0.19 3.38 -13.41
N VAL A 42 -0.94 2.69 -13.55
CA VAL A 42 -2.23 3.35 -13.66
C VAL A 42 -2.86 3.58 -12.29
N THR A 43 -3.37 4.79 -12.08
CA THR A 43 -4.01 5.13 -10.81
C THR A 43 -5.52 5.05 -10.91
N TRP A 44 -6.11 4.18 -10.09
CA TRP A 44 -7.56 4.02 -10.10
C TRP A 44 -8.19 4.63 -8.85
N SER B 1 -1.23 11.98 18.67
CA SER B 1 -0.21 12.83 18.08
C SER B 1 0.61 12.06 17.05
N HIS B 2 1.26 10.99 17.50
CA HIS B 2 2.08 10.17 16.62
C HIS B 2 1.51 8.76 16.52
N MET B 3 1.06 8.39 15.33
CA MET B 3 0.49 7.06 15.09
C MET B 3 1.54 6.12 14.51
N GLN B 4 1.24 4.83 14.55
CA GLN B 4 2.16 3.82 14.03
C GLN B 4 1.56 3.10 12.83
N ILE B 5 2.42 2.49 12.02
CA ILE B 5 1.96 1.76 10.83
C ILE B 5 2.90 0.62 10.50
N PHE B 6 2.38 -0.40 9.81
CA PHE B 6 3.17 -1.55 9.43
C PHE B 6 3.17 -1.75 7.92
N VAL B 7 4.31 -2.14 7.37
CA VAL B 7 4.45 -2.36 5.94
C VAL B 7 5.12 -3.69 5.65
N LYS B 8 4.36 -4.61 5.05
CA LYS B 8 4.87 -5.93 4.71
C LYS B 8 5.27 -6.00 3.24
N THR B 9 6.46 -6.53 2.98
CA THR B 9 6.95 -6.66 1.61
C THR B 9 6.48 -7.96 0.98
N LEU B 10 6.82 -8.14 -0.30
CA LEU B 10 6.42 -9.34 -1.04
C LEU B 10 7.27 -10.53 -0.60
N THR B 11 8.32 -10.26 0.17
CA THR B 11 9.20 -11.31 0.66
C THR B 11 8.72 -11.86 2.00
N GLY B 12 7.79 -11.14 2.63
CA GLY B 12 7.28 -11.56 3.91
C GLY B 12 7.76 -10.69 5.05
N LYS B 13 8.79 -9.90 4.79
CA LYS B 13 9.35 -9.01 5.80
C LYS B 13 8.26 -8.16 6.44
N THR B 14 8.45 -7.83 7.72
CA THR B 14 7.48 -7.02 8.45
C THR B 14 8.14 -5.80 9.08
N ILE B 15 7.92 -4.64 8.46
CA ILE B 15 8.50 -3.40 8.97
C ILE B 15 7.51 -2.64 9.83
N THR B 16 8.00 -2.02 10.90
CA THR B 16 7.15 -1.25 11.80
C THR B 16 7.73 0.13 12.06
N LEU B 17 7.08 1.15 11.51
CA LEU B 17 7.53 2.53 11.68
C LEU B 17 6.39 3.42 12.13
N GLU B 18 6.71 4.66 12.51
CA GLU B 18 5.70 5.61 12.96
C GLU B 18 5.60 6.79 11.98
N VAL B 19 4.39 7.34 11.86
CA VAL B 19 4.15 8.47 10.97
C VAL B 19 3.21 9.48 11.61
N GLU B 20 2.95 10.57 10.88
CA GLU B 20 2.06 11.61 11.38
C GLU B 20 0.89 11.84 10.43
N PRO B 21 -0.18 12.46 10.94
CA PRO B 21 -1.38 12.73 10.15
C PRO B 21 -1.14 13.82 9.10
N SER B 22 -0.10 14.61 9.30
CA SER B 22 0.23 15.68 8.36
C SER B 22 1.31 15.24 7.39
N ASP B 23 1.85 14.05 7.63
CA ASP B 23 2.90 13.49 6.77
C ASP B 23 2.32 13.04 5.43
N THR B 24 3.17 12.44 4.60
CA THR B 24 2.75 11.96 3.30
C THR B 24 3.28 10.57 3.02
N ILE B 25 2.71 9.90 2.02
CA ILE B 25 3.14 8.56 1.64
C ILE B 25 4.63 8.51 1.38
N GLU B 26 5.15 9.55 0.74
CA GLU B 26 6.58 9.63 0.43
C GLU B 26 7.42 9.60 1.69
N ASN B 27 6.91 10.22 2.75
CA ASN B 27 7.61 10.27 4.03
C ASN B 27 7.75 8.87 4.63
N VAL B 28 6.66 8.09 4.54
CA VAL B 28 6.67 6.73 5.07
C VAL B 28 7.79 5.90 4.46
N LYS B 29 8.03 6.11 3.17
CA LYS B 29 9.08 5.38 2.46
C LYS B 29 10.46 5.96 2.77
N ALA B 30 10.49 7.25 3.07
CA ALA B 30 11.74 7.93 3.39
C ALA B 30 12.44 7.26 4.56
N LYS B 31 11.71 7.07 5.65
CA LYS B 31 12.26 6.42 6.85
C LYS B 31 12.47 4.94 6.63
N ILE B 32 11.53 4.31 5.93
CA ILE B 32 11.61 2.88 5.64
C ILE B 32 12.90 2.54 4.90
N GLN B 33 13.41 3.50 4.14
CA GLN B 33 14.63 3.30 3.37
C GLN B 33 15.79 2.91 4.29
N ASP B 34 15.92 3.63 5.41
CA ASP B 34 16.97 3.35 6.37
C ASP B 34 16.72 2.02 7.09
N LYS B 35 15.52 1.49 6.92
CA LYS B 35 15.15 0.22 7.54
C LYS B 35 15.50 -0.96 6.65
N GLU B 36 14.83 -1.06 5.51
CA GLU B 36 15.07 -2.14 4.57
C GLU B 36 16.29 -1.83 3.69
N GLY B 37 16.34 -0.60 3.18
CA GLY B 37 17.45 -0.21 2.33
C GLY B 37 17.03 0.00 0.89
N ILE B 38 15.83 0.54 0.70
CA ILE B 38 15.32 0.79 -0.64
C ILE B 38 14.83 2.23 -0.78
N PRO B 39 15.06 2.82 -1.96
CA PRO B 39 14.65 4.20 -2.25
C PRO B 39 13.13 4.34 -2.38
N PRO B 40 12.60 5.47 -1.92
CA PRO B 40 11.16 5.75 -1.97
C PRO B 40 10.67 5.98 -3.40
N ASP B 41 11.60 6.20 -4.32
CA ASP B 41 11.26 6.43 -5.71
C ASP B 41 11.02 5.12 -6.43
N GLN B 42 11.15 4.01 -5.71
CA GLN B 42 10.94 2.69 -6.29
C GLN B 42 9.85 1.93 -5.54
N GLN B 43 9.81 2.11 -4.22
CA GLN B 43 8.82 1.45 -3.39
C GLN B 43 7.52 2.25 -3.35
N ARG B 44 6.41 1.57 -3.08
CA ARG B 44 5.11 2.22 -3.01
C ARG B 44 4.29 1.66 -1.86
N LEU B 45 3.07 2.17 -1.70
CA LEU B 45 2.17 1.71 -0.64
C LEU B 45 0.80 1.35 -1.19
N ILE B 46 0.10 0.47 -0.49
CA ILE B 46 -1.23 0.04 -0.91
C ILE B 46 -2.19 -0.01 0.27
N PHE B 47 -3.25 0.79 0.20
CA PHE B 47 -4.24 0.84 1.26
C PHE B 47 -5.60 1.27 0.72
N ALA B 48 -6.66 0.72 1.30
CA ALA B 48 -8.02 1.05 0.88
C ALA B 48 -8.29 0.55 -0.54
N GLY B 49 -7.60 -0.53 -0.92
CA GLY B 49 -7.78 -1.07 -2.25
C GLY B 49 -7.21 -0.18 -3.33
N LYS B 50 -6.49 0.86 -2.92
CA LYS B 50 -5.90 1.80 -3.86
C LYS B 50 -4.44 2.07 -3.52
N GLN B 51 -3.69 2.55 -4.49
CA GLN B 51 -2.27 2.85 -4.29
C GLN B 51 -2.09 4.25 -3.69
N LEU B 52 -1.33 4.32 -2.60
CA LEU B 52 -1.07 5.60 -1.94
C LEU B 52 0.26 6.19 -2.39
N GLU B 53 0.23 7.46 -2.77
CA GLU B 53 1.44 8.14 -3.22
C GLU B 53 1.59 9.49 -2.52
N ASP B 54 2.68 10.19 -2.83
CA ASP B 54 2.94 11.49 -2.23
C ASP B 54 1.86 12.50 -2.61
N GLY B 55 1.09 12.17 -3.65
CA GLY B 55 0.03 13.05 -4.10
C GLY B 55 -0.95 13.39 -2.99
N ARG B 56 -1.00 12.54 -1.97
CA ARG B 56 -1.90 12.76 -0.84
C ARG B 56 -1.20 12.46 0.47
N THR B 57 -1.82 12.86 1.58
CA THR B 57 -1.27 12.64 2.90
C THR B 57 -1.89 11.41 3.57
N LEU B 58 -1.45 11.13 4.79
CA LEU B 58 -1.97 9.99 5.54
C LEU B 58 -3.45 10.17 5.86
N SER B 59 -3.80 11.38 6.32
CA SER B 59 -5.18 11.69 6.67
C SER B 59 -6.08 11.69 5.43
N ASP B 60 -5.45 11.80 4.25
CA ASP B 60 -6.18 11.82 3.00
C ASP B 60 -6.63 10.41 2.61
N TYR B 61 -5.84 9.42 3.00
CA TYR B 61 -6.16 8.03 2.70
C TYR B 61 -6.78 7.33 3.90
N ASN B 62 -7.23 8.12 4.86
CA ASN B 62 -7.85 7.59 6.07
C ASN B 62 -6.90 6.65 6.80
N ILE B 63 -5.61 6.95 6.74
CA ILE B 63 -4.60 6.13 7.40
C ILE B 63 -4.70 6.23 8.92
N GLN B 64 -5.16 5.15 9.54
CA GLN B 64 -5.31 5.12 10.99
C GLN B 64 -4.15 4.37 11.64
N LYS B 65 -4.10 4.39 12.97
CA LYS B 65 -3.05 3.71 13.71
C LYS B 65 -3.07 2.21 13.43
N GLU B 66 -1.89 1.63 13.31
CA GLU B 66 -1.76 0.19 13.04
C GLU B 66 -2.48 -0.18 11.75
N SER B 67 -2.20 0.58 10.68
CA SER B 67 -2.82 0.32 9.39
C SER B 67 -2.07 -0.77 8.63
N THR B 68 -2.82 -1.65 7.99
CA THR B 68 -2.23 -2.75 7.24
C THR B 68 -1.82 -2.30 5.84
N LEU B 69 -0.55 -1.96 5.68
CA LEU B 69 -0.03 -1.51 4.39
C LEU B 69 0.85 -2.57 3.76
N HIS B 70 1.24 -2.34 2.51
CA HIS B 70 2.11 -3.27 1.79
C HIS B 70 3.27 -2.55 1.12
N LEU B 71 4.22 -3.31 0.61
CA LEU B 71 5.39 -2.75 -0.06
C LEU B 71 5.50 -3.25 -1.49
N VAL B 72 5.44 -2.33 -2.45
CA VAL B 72 5.53 -2.68 -3.86
C VAL B 72 6.64 -1.90 -4.55
N LEU B 73 7.66 -2.61 -5.00
CA LEU B 73 8.80 -1.98 -5.67
C LEU B 73 8.67 -2.12 -7.20
N ARG B 74 8.60 -0.98 -7.88
CA ARG B 74 8.47 -0.98 -9.33
C ARG B 74 9.75 -0.45 -9.98
N LEU B 75 10.77 -1.29 -10.06
CA LEU B 75 12.04 -0.92 -10.65
C LEU B 75 11.84 -0.32 -12.04
N ARG B 76 12.60 0.71 -12.35
CA ARG B 76 12.50 1.39 -13.64
C ARG B 76 13.60 0.89 -14.59
N GLY B 77 14.71 0.44 -14.01
CA GLY B 77 15.82 -0.03 -14.82
C GLY B 77 15.77 -1.53 -15.04
N GLY B 78 14.57 -2.11 -14.94
CA GLY B 78 14.40 -3.53 -15.13
C GLY B 78 15.35 -4.35 -14.26
ZN ZN C . -4.52 -8.72 -10.11
N SER A 1 -27.02 -8.96 -1.50
CA SER A 1 -26.08 -8.89 -2.61
C SER A 1 -24.90 -7.99 -2.26
N HIS A 2 -24.25 -8.27 -1.14
CA HIS A 2 -23.10 -7.48 -0.70
C HIS A 2 -21.86 -8.35 -0.59
N MET A 3 -21.63 -9.19 -1.59
CA MET A 3 -20.47 -10.07 -1.60
C MET A 3 -19.21 -9.31 -2.01
N GLY A 4 -18.66 -8.54 -1.09
CA GLY A 4 -17.47 -7.77 -1.37
C GLY A 4 -17.27 -6.60 -0.41
N ALA A 5 -16.51 -6.83 0.64
CA ALA A 5 -16.25 -5.79 1.63
C ALA A 5 -14.91 -5.11 1.37
N ALA A 6 -14.88 -4.25 0.36
CA ALA A 6 -13.67 -3.53 0.01
C ALA A 6 -13.93 -2.48 -1.07
N ALA A 7 -13.06 -1.49 -1.16
CA ALA A 7 -13.21 -0.43 -2.15
C ALA A 7 -13.40 -1.01 -3.55
N LEU A 8 -12.74 -2.13 -3.81
CA LEU A 8 -12.84 -2.79 -5.12
C LEU A 8 -13.07 -4.30 -4.95
N ARG A 9 -14.07 -4.82 -5.65
CA ARG A 9 -14.39 -6.24 -5.59
C ARG A 9 -13.75 -6.99 -6.75
N SER A 10 -12.96 -6.27 -7.54
CA SER A 10 -12.29 -6.88 -8.69
C SER A 10 -11.02 -6.11 -9.05
N CYS A 11 -9.91 -6.82 -9.13
CA CYS A 11 -8.63 -6.20 -9.47
C CYS A 11 -8.74 -5.37 -10.75
N PRO A 12 -8.71 -4.04 -10.59
CA PRO A 12 -8.80 -3.11 -11.72
C PRO A 12 -7.56 -3.14 -12.60
N MET A 13 -6.59 -3.97 -12.22
CA MET A 13 -5.36 -4.09 -12.99
C MET A 13 -5.42 -5.28 -13.95
N CYS A 14 -5.74 -6.45 -13.41
CA CYS A 14 -5.83 -7.66 -14.22
C CYS A 14 -7.26 -8.18 -14.24
N GLN A 15 -8.21 -7.30 -13.97
CA GLN A 15 -9.63 -7.67 -13.97
C GLN A 15 -9.83 -9.03 -13.30
N LYS A 16 -9.60 -9.07 -11.99
CA LYS A 16 -9.76 -10.31 -11.24
C LYS A 16 -10.71 -10.11 -10.06
N GLU A 17 -11.93 -10.60 -10.21
CA GLU A 17 -12.93 -10.48 -9.16
C GLU A 17 -12.43 -11.08 -7.84
N PHE A 18 -12.12 -10.22 -6.88
CA PHE A 18 -11.62 -10.66 -5.59
C PHE A 18 -12.67 -11.49 -4.86
N ALA A 19 -12.21 -12.38 -3.99
CA ALA A 19 -13.10 -13.24 -3.22
C ALA A 19 -14.11 -12.42 -2.43
N PRO A 20 -15.31 -12.99 -2.21
CA PRO A 20 -16.38 -12.33 -1.46
C PRO A 20 -16.04 -12.19 0.02
N ARG A 21 -16.85 -11.40 0.73
CA ARG A 21 -16.64 -11.19 2.16
C ARG A 21 -15.16 -11.06 2.49
N LEU A 22 -14.42 -10.37 1.63
CA LEU A 22 -13.00 -10.18 1.82
C LEU A 22 -12.72 -9.01 2.75
N THR A 23 -11.45 -8.69 2.94
CA THR A 23 -11.05 -7.58 3.81
C THR A 23 -10.07 -6.66 3.10
N GLN A 24 -9.89 -5.46 3.66
CA GLN A 24 -8.98 -4.48 3.08
C GLN A 24 -7.60 -5.09 2.85
N LEU A 25 -7.22 -6.03 3.70
CA LEU A 25 -5.93 -6.69 3.59
C LEU A 25 -5.90 -7.63 2.38
N ASP A 26 -7.04 -8.24 2.09
CA ASP A 26 -7.15 -9.17 0.97
C ASP A 26 -6.90 -8.44 -0.35
N VAL A 27 -7.74 -7.44 -0.63
CA VAL A 27 -7.61 -6.67 -1.86
C VAL A 27 -6.23 -6.03 -1.98
N ASP A 28 -5.69 -5.59 -0.84
CA ASP A 28 -4.37 -4.97 -0.82
C ASP A 28 -3.28 -6.01 -1.05
N SER A 29 -3.48 -7.21 -0.52
CA SER A 29 -2.51 -8.28 -0.67
C SER A 29 -2.19 -8.54 -2.14
N HIS A 30 -3.23 -8.76 -2.94
CA HIS A 30 -3.07 -9.01 -4.36
C HIS A 30 -2.68 -7.73 -5.10
N LEU A 31 -3.34 -6.64 -4.75
CA LEU A 31 -3.08 -5.35 -5.38
C LEU A 31 -1.59 -5.02 -5.33
N ALA A 32 -0.92 -5.48 -4.28
CA ALA A 32 0.51 -5.24 -4.12
C ALA A 32 1.32 -6.09 -5.09
N GLN A 33 0.89 -7.32 -5.28
CA GLN A 33 1.57 -8.25 -6.19
C GLN A 33 1.32 -7.86 -7.64
N CYS A 34 0.07 -7.59 -7.97
CA CYS A 34 -0.29 -7.22 -9.33
C CYS A 34 0.61 -6.06 -9.76
N LEU A 35 0.63 -5.03 -8.92
CA LEU A 35 1.44 -3.84 -9.20
C LEU A 35 2.89 -4.23 -9.49
N ALA A 36 3.50 -4.94 -8.56
CA ALA A 36 4.88 -5.37 -8.71
C ALA A 36 5.06 -6.21 -9.97
N GLU A 37 3.96 -6.80 -10.43
CA GLU A 37 3.99 -7.64 -11.63
C GLU A 37 3.43 -6.87 -12.84
N SER A 38 3.20 -5.58 -12.66
CA SER A 38 2.66 -4.75 -13.73
C SER A 38 3.64 -3.66 -14.12
N THR A 39 3.39 -3.01 -15.25
CA THR A 39 4.26 -1.95 -15.75
C THR A 39 3.49 -0.66 -15.97
N GLU A 40 2.22 -0.79 -16.37
CA GLU A 40 1.37 0.36 -16.62
C GLU A 40 1.39 1.32 -15.43
N ASP A 41 1.05 0.79 -14.26
CA ASP A 41 1.03 1.60 -13.04
C ASP A 41 -0.01 2.71 -13.14
N VAL A 42 -1.26 2.32 -13.44
CA VAL A 42 -2.34 3.29 -13.56
C VAL A 42 -2.90 3.67 -12.19
N THR A 43 -3.68 4.75 -12.15
CA THR A 43 -4.27 5.21 -10.90
C THR A 43 -5.80 5.11 -10.95
N TRP A 44 -6.36 4.29 -10.07
CA TRP A 44 -7.79 4.10 -10.01
C TRP A 44 -8.38 4.78 -8.78
N SER B 1 1.74 15.08 18.47
CA SER B 1 1.31 13.69 18.49
C SER B 1 2.12 12.86 17.50
N HIS B 2 1.90 11.54 17.52
CA HIS B 2 2.60 10.64 16.62
C HIS B 2 1.98 9.25 16.66
N MET B 3 1.54 8.77 15.48
CA MET B 3 0.94 7.46 15.38
C MET B 3 1.92 6.42 14.85
N GLN B 4 1.53 5.16 14.89
CA GLN B 4 2.39 4.08 14.41
C GLN B 4 1.72 3.31 13.28
N ILE B 5 2.52 2.92 12.29
CA ILE B 5 2.00 2.18 11.15
C ILE B 5 2.90 1.00 10.82
N PHE B 6 2.37 0.07 10.00
CA PHE B 6 3.13 -1.11 9.60
C PHE B 6 3.25 -1.20 8.08
N VAL B 7 4.35 -1.77 7.62
CA VAL B 7 4.59 -1.92 6.19
C VAL B 7 5.13 -3.31 5.87
N LYS B 8 4.37 -4.06 5.07
CA LYS B 8 4.78 -5.40 4.68
C LYS B 8 5.39 -5.40 3.28
N THR B 9 6.24 -6.40 3.01
CA THR B 9 6.88 -6.51 1.71
C THR B 9 6.39 -7.74 0.95
N LEU B 10 6.76 -7.83 -0.32
CA LEU B 10 6.35 -8.96 -1.16
C LEU B 10 6.95 -10.26 -0.65
N THR B 11 7.96 -10.15 0.21
CA THR B 11 8.62 -11.31 0.77
C THR B 11 7.96 -11.75 2.07
N GLY B 12 7.09 -10.89 2.60
CA GLY B 12 6.40 -11.21 3.84
C GLY B 12 6.98 -10.46 5.03
N LYS B 13 8.10 -9.79 4.83
CA LYS B 13 8.76 -9.04 5.89
C LYS B 13 7.77 -8.09 6.57
N THR B 14 7.90 -7.95 7.88
CA THR B 14 7.03 -7.07 8.64
C THR B 14 7.78 -5.87 9.19
N ILE B 15 7.56 -4.71 8.60
CA ILE B 15 8.23 -3.49 9.03
C ILE B 15 7.31 -2.63 9.90
N THR B 16 7.88 -2.02 10.93
CA THR B 16 7.11 -1.17 11.83
C THR B 16 7.77 0.19 12.01
N LEU B 17 7.03 1.25 11.70
CA LEU B 17 7.54 2.61 11.83
C LEU B 17 6.44 3.57 12.28
N GLU B 18 6.84 4.79 12.62
CA GLU B 18 5.88 5.80 13.06
C GLU B 18 5.72 6.89 12.01
N VAL B 19 4.55 7.51 11.98
CA VAL B 19 4.26 8.57 11.03
C VAL B 19 3.32 9.61 11.62
N GLU B 20 3.08 10.69 10.88
CA GLU B 20 2.20 11.75 11.34
C GLU B 20 1.04 11.97 10.36
N PRO B 21 -0.02 12.63 10.85
CA PRO B 21 -1.21 12.92 10.03
C PRO B 21 -0.92 13.95 8.95
N SER B 22 0.25 14.58 9.01
CA SER B 22 0.63 15.59 8.04
C SER B 22 1.63 15.02 7.03
N ASP B 23 2.28 13.92 7.40
CA ASP B 23 3.26 13.28 6.54
C ASP B 23 2.62 12.87 5.21
N THR B 24 3.39 12.17 4.38
CA THR B 24 2.90 11.71 3.09
C THR B 24 3.44 10.32 2.76
N ILE B 25 2.93 9.75 1.66
CA ILE B 25 3.36 8.42 1.25
C ILE B 25 4.87 8.37 1.00
N GLU B 26 5.41 9.47 0.50
CA GLU B 26 6.85 9.56 0.22
C GLU B 26 7.64 9.72 1.52
N ASN B 27 6.99 10.26 2.54
CA ASN B 27 7.63 10.47 3.84
C ASN B 27 7.79 9.15 4.57
N VAL B 28 6.70 8.39 4.67
CA VAL B 28 6.72 7.10 5.36
C VAL B 28 7.77 6.18 4.76
N LYS B 29 7.98 6.30 3.46
CA LYS B 29 8.95 5.47 2.76
C LYS B 29 10.38 5.99 3.01
N ALA B 30 10.49 7.29 3.24
CA ALA B 30 11.80 7.90 3.49
C ALA B 30 12.50 7.23 4.67
N LYS B 31 11.80 7.14 5.80
CA LYS B 31 12.36 6.51 6.99
C LYS B 31 12.49 5.01 6.81
N ILE B 32 11.59 4.43 6.03
CA ILE B 32 11.60 3.00 5.77
C ILE B 32 12.87 2.57 5.05
N GLN B 33 13.42 3.49 4.25
CA GLN B 33 14.64 3.22 3.51
C GLN B 33 15.78 2.82 4.45
N ASP B 34 15.90 3.54 5.55
CA ASP B 34 16.94 3.26 6.53
C ASP B 34 16.68 1.95 7.26
N LYS B 35 15.49 1.40 7.07
CA LYS B 35 15.11 0.14 7.70
C LYS B 35 15.45 -1.04 6.79
N GLU B 36 14.77 -1.13 5.65
CA GLU B 36 15.01 -2.20 4.70
C GLU B 36 16.23 -1.90 3.82
N GLY B 37 16.30 -0.68 3.32
CA GLY B 37 17.41 -0.29 2.48
C GLY B 37 16.99 -0.07 1.03
N ILE B 38 15.84 0.57 0.83
CA ILE B 38 15.34 0.83 -0.51
C ILE B 38 14.80 2.26 -0.62
N PRO B 39 15.03 2.88 -1.80
CA PRO B 39 14.57 4.25 -2.06
C PRO B 39 13.05 4.34 -2.18
N PRO B 40 12.48 5.46 -1.71
CA PRO B 40 11.04 5.70 -1.76
C PRO B 40 10.53 5.92 -3.18
N ASP B 41 11.47 6.14 -4.10
CA ASP B 41 11.12 6.37 -5.50
C ASP B 41 10.90 5.05 -6.23
N GLN B 42 11.07 3.95 -5.51
CA GLN B 42 10.89 2.62 -6.09
C GLN B 42 9.79 1.85 -5.38
N GLN B 43 9.73 1.99 -4.06
CA GLN B 43 8.72 1.31 -3.26
C GLN B 43 7.39 2.06 -3.32
N ARG B 44 6.29 1.30 -3.24
CA ARG B 44 4.96 1.89 -3.29
C ARG B 44 4.16 1.54 -2.04
N LEU B 45 2.92 2.00 -1.98
CA LEU B 45 2.06 1.73 -0.84
C LEU B 45 0.66 1.35 -1.30
N ILE B 46 0.00 0.48 -0.52
CA ILE B 46 -1.35 0.04 -0.84
C ILE B 46 -2.26 0.09 0.38
N PHE B 47 -3.38 0.77 0.25
CA PHE B 47 -4.33 0.90 1.36
C PHE B 47 -5.74 1.20 0.84
N ALA B 48 -6.74 0.62 1.49
CA ALA B 48 -8.13 0.82 1.10
C ALA B 48 -8.36 0.35 -0.33
N GLY B 49 -7.54 -0.60 -0.79
CA GLY B 49 -7.67 -1.12 -2.14
C GLY B 49 -7.22 -0.13 -3.19
N LYS B 50 -6.60 0.96 -2.74
CA LYS B 50 -6.12 1.99 -3.65
C LYS B 50 -4.61 2.21 -3.49
N GLN B 51 -3.96 2.62 -4.57
CA GLN B 51 -2.52 2.86 -4.55
C GLN B 51 -2.21 4.25 -3.98
N LEU B 52 -1.64 4.28 -2.78
CA LEU B 52 -1.29 5.53 -2.14
C LEU B 52 -0.04 6.14 -2.76
N GLU B 53 -0.09 7.44 -3.07
CA GLU B 53 1.04 8.14 -3.66
C GLU B 53 1.37 9.40 -2.88
N ASP B 54 2.60 9.89 -3.05
CA ASP B 54 3.04 11.09 -2.36
C ASP B 54 2.08 12.24 -2.60
N GLY B 55 1.38 12.20 -3.72
CA GLY B 55 0.43 13.25 -4.06
C GLY B 55 -0.55 13.51 -2.93
N ARG B 56 -0.79 12.49 -2.10
CA ARG B 56 -1.72 12.62 -0.99
C ARG B 56 -1.00 12.41 0.34
N THR B 57 -1.68 12.75 1.44
CA THR B 57 -1.10 12.60 2.76
C THR B 57 -1.81 11.49 3.55
N LEU B 58 -1.37 11.27 4.77
CA LEU B 58 -1.96 10.24 5.63
C LEU B 58 -3.42 10.56 5.94
N SER B 59 -3.70 11.83 6.21
CA SER B 59 -5.05 12.27 6.52
C SER B 59 -5.97 12.13 5.31
N ASP B 60 -5.35 12.05 4.13
CA ASP B 60 -6.11 11.93 2.88
C ASP B 60 -6.65 10.50 2.73
N TYR B 61 -5.86 9.53 3.16
CA TYR B 61 -6.26 8.13 3.07
C TYR B 61 -6.79 7.62 4.41
N ASN B 62 -6.97 8.53 5.35
CA ASN B 62 -7.48 8.18 6.67
C ASN B 62 -6.67 7.03 7.27
N ILE B 63 -5.35 7.12 7.16
CA ILE B 63 -4.46 6.09 7.69
C ILE B 63 -4.30 6.23 9.20
N GLN B 64 -4.94 5.35 9.95
CA GLN B 64 -4.86 5.38 11.41
C GLN B 64 -3.70 4.53 11.90
N LYS B 65 -3.66 4.31 13.21
CA LYS B 65 -2.59 3.50 13.82
C LYS B 65 -2.75 2.04 13.45
N GLU B 66 -1.64 1.31 13.50
CA GLU B 66 -1.64 -0.12 13.16
C GLU B 66 -2.29 -0.35 11.80
N SER B 67 -1.82 0.37 10.79
CA SER B 67 -2.36 0.24 9.45
C SER B 67 -1.59 -0.81 8.65
N THR B 68 -2.32 -1.70 7.98
CA THR B 68 -1.71 -2.75 7.19
C THR B 68 -1.42 -2.26 5.77
N LEU B 69 -0.28 -1.61 5.60
CA LEU B 69 0.13 -1.10 4.30
C LEU B 69 1.10 -2.06 3.60
N HIS B 70 0.85 -2.31 2.31
CA HIS B 70 1.71 -3.21 1.55
C HIS B 70 2.70 -2.41 0.70
N LEU B 71 3.91 -2.94 0.57
CA LEU B 71 4.96 -2.29 -0.20
C LEU B 71 5.14 -2.97 -1.55
N VAL B 72 5.36 -2.17 -2.59
CA VAL B 72 5.56 -2.69 -3.94
C VAL B 72 6.69 -1.95 -4.66
N LEU B 73 7.80 -2.65 -4.89
CA LEU B 73 8.94 -2.06 -5.56
C LEU B 73 8.81 -2.20 -7.08
N ARG B 74 8.77 -1.06 -7.77
CA ARG B 74 8.66 -1.06 -9.22
C ARG B 74 9.94 -0.57 -9.87
N LEU B 75 10.95 -1.44 -9.93
CA LEU B 75 12.23 -1.10 -10.53
C LEU B 75 12.04 -0.51 -11.93
N ARG B 76 13.11 0.06 -12.47
CA ARG B 76 13.06 0.65 -13.80
C ARG B 76 13.91 -0.14 -14.78
N GLY B 77 13.26 -0.69 -15.80
CA GLY B 77 13.97 -1.48 -16.80
C GLY B 77 13.63 -2.95 -16.73
N GLY B 78 13.74 -3.53 -15.54
CA GLY B 78 13.44 -4.94 -15.37
C GLY B 78 12.01 -5.18 -14.96
ZN ZN C . -4.31 -8.45 -10.22
N SER A 1 -24.26 -5.11 2.82
CA SER A 1 -23.98 -5.55 4.18
C SER A 1 -23.54 -7.01 4.19
N HIS A 2 -23.97 -7.77 3.19
CA HIS A 2 -23.61 -9.18 3.08
C HIS A 2 -22.30 -9.35 2.33
N MET A 3 -22.05 -8.45 1.38
CA MET A 3 -20.82 -8.50 0.59
C MET A 3 -20.19 -7.12 0.48
N GLY A 4 -18.87 -7.09 0.29
CA GLY A 4 -18.16 -5.83 0.17
C GLY A 4 -16.96 -5.74 1.10
N ALA A 5 -16.96 -4.73 1.97
CA ALA A 5 -15.87 -4.54 2.91
C ALA A 5 -14.54 -4.37 2.19
N ALA A 6 -14.56 -3.57 1.12
CA ALA A 6 -13.35 -3.32 0.34
C ALA A 6 -13.59 -2.25 -0.72
N ALA A 7 -12.51 -1.57 -1.12
CA ALA A 7 -12.61 -0.52 -2.13
C ALA A 7 -12.93 -1.10 -3.50
N LEU A 8 -12.45 -2.32 -3.75
CA LEU A 8 -12.69 -2.98 -5.02
C LEU A 8 -13.02 -4.46 -4.82
N ARG A 9 -13.89 -4.99 -5.67
CA ARG A 9 -14.28 -6.39 -5.58
C ARG A 9 -13.66 -7.20 -6.72
N SER A 10 -12.92 -6.52 -7.59
CA SER A 10 -12.28 -7.19 -8.72
C SER A 10 -11.04 -6.41 -9.16
N CYS A 11 -9.89 -7.09 -9.17
CA CYS A 11 -8.64 -6.46 -9.59
C CYS A 11 -8.80 -5.77 -10.94
N PRO A 12 -8.83 -4.43 -10.91
CA PRO A 12 -8.97 -3.62 -12.12
C PRO A 12 -7.73 -3.66 -13.00
N MET A 13 -6.70 -4.35 -12.51
CA MET A 13 -5.45 -4.47 -13.26
C MET A 13 -5.48 -5.68 -14.18
N CYS A 14 -5.76 -6.85 -13.61
CA CYS A 14 -5.82 -8.08 -14.38
C CYS A 14 -7.24 -8.64 -14.40
N GLN A 15 -8.20 -7.78 -14.11
CA GLN A 15 -9.61 -8.19 -14.09
C GLN A 15 -9.78 -9.52 -13.38
N LYS A 16 -9.53 -9.53 -12.08
CA LYS A 16 -9.66 -10.74 -11.28
C LYS A 16 -10.63 -10.53 -10.11
N GLU A 17 -11.77 -11.20 -10.17
CA GLU A 17 -12.77 -11.07 -9.12
C GLU A 17 -12.25 -11.63 -7.80
N PHE A 18 -12.22 -10.78 -6.78
CA PHE A 18 -11.74 -11.18 -5.47
C PHE A 18 -12.79 -12.03 -4.74
N ALA A 19 -12.31 -12.88 -3.84
CA ALA A 19 -13.21 -13.75 -3.08
C ALA A 19 -14.22 -12.93 -2.29
N PRO A 20 -15.39 -13.53 -2.03
CA PRO A 20 -16.47 -12.88 -1.28
C PRO A 20 -16.12 -12.71 0.20
N ARG A 21 -16.95 -11.95 0.90
CA ARG A 21 -16.73 -11.69 2.32
C ARG A 21 -15.26 -11.49 2.62
N LEU A 22 -14.56 -10.80 1.72
CA LEU A 22 -13.14 -10.54 1.88
C LEU A 22 -12.91 -9.32 2.78
N THR A 23 -11.64 -8.97 2.98
CA THR A 23 -11.28 -7.83 3.81
C THR A 23 -10.39 -6.87 3.06
N GLN A 24 -10.26 -5.65 3.58
CA GLN A 24 -9.43 -4.62 2.97
C GLN A 24 -8.04 -5.16 2.68
N LEU A 25 -7.52 -5.98 3.59
CA LEU A 25 -6.20 -6.56 3.44
C LEU A 25 -6.19 -7.61 2.34
N ASP A 26 -7.25 -8.42 2.28
CA ASP A 26 -7.35 -9.46 1.26
C ASP A 26 -7.15 -8.89 -0.14
N VAL A 27 -7.82 -7.77 -0.41
CA VAL A 27 -7.73 -7.11 -1.71
C VAL A 27 -6.36 -6.47 -1.90
N ASP A 28 -5.99 -5.59 -0.97
CA ASP A 28 -4.72 -4.90 -1.03
C ASP A 28 -3.57 -5.89 -1.22
N SER A 29 -3.72 -7.09 -0.64
CA SER A 29 -2.71 -8.12 -0.74
C SER A 29 -2.34 -8.39 -2.19
N HIS A 30 -3.36 -8.70 -3.00
CA HIS A 30 -3.15 -8.98 -4.42
C HIS A 30 -2.76 -7.71 -5.17
N LEU A 31 -3.34 -6.59 -4.76
CA LEU A 31 -3.06 -5.30 -5.40
C LEU A 31 -1.56 -5.03 -5.44
N ALA A 32 -0.89 -5.30 -4.32
CA ALA A 32 0.55 -5.08 -4.23
C ALA A 32 1.31 -6.02 -5.17
N GLN A 33 0.78 -7.21 -5.36
CA GLN A 33 1.40 -8.20 -6.24
C GLN A 33 1.21 -7.82 -7.70
N CYS A 34 -0.04 -7.58 -8.09
CA CYS A 34 -0.35 -7.22 -9.46
C CYS A 34 0.53 -6.02 -9.84
N LEU A 35 0.38 -4.95 -9.05
CA LEU A 35 1.13 -3.73 -9.28
C LEU A 35 2.63 -4.03 -9.39
N ALA A 36 3.15 -4.78 -8.43
CA ALA A 36 4.56 -5.14 -8.43
C ALA A 36 4.93 -5.94 -9.66
N GLU A 37 3.94 -6.57 -10.28
CA GLU A 37 4.16 -7.38 -11.47
C GLU A 37 3.80 -6.60 -12.73
N SER A 38 3.31 -5.37 -12.55
CA SER A 38 2.92 -4.53 -13.66
C SER A 38 3.86 -3.33 -13.78
N THR A 39 3.93 -2.75 -14.98
CA THR A 39 4.78 -1.60 -15.23
C THR A 39 3.95 -0.33 -15.39
N GLU A 40 2.65 -0.45 -15.21
CA GLU A 40 1.74 0.70 -15.34
C GLU A 40 1.19 1.10 -13.99
N ASP A 41 1.71 2.19 -13.43
CA ASP A 41 1.26 2.69 -12.14
C ASP A 41 -0.03 3.48 -12.28
N VAL A 42 -1.09 2.81 -12.72
CA VAL A 42 -2.39 3.44 -12.91
C VAL A 42 -3.11 3.61 -11.57
N THR A 43 -3.85 4.71 -11.44
CA THR A 43 -4.59 5.00 -10.22
C THR A 43 -6.05 4.61 -10.35
N TRP A 44 -6.46 3.57 -9.63
CA TRP A 44 -7.84 3.10 -9.68
C TRP A 44 -8.57 3.46 -8.39
N SER B 1 4.83 10.86 19.08
CA SER B 1 3.76 11.74 19.51
C SER B 1 2.78 12.01 18.38
N HIS B 2 2.64 11.04 17.49
CA HIS B 2 1.73 11.17 16.35
C HIS B 2 0.92 9.90 16.16
N MET B 3 1.52 8.90 15.51
CA MET B 3 0.85 7.63 15.27
C MET B 3 1.82 6.60 14.70
N GLN B 4 1.51 5.32 14.88
CA GLN B 4 2.36 4.25 14.39
C GLN B 4 1.69 3.53 13.22
N ILE B 5 2.50 3.05 12.28
CA ILE B 5 1.98 2.33 11.12
C ILE B 5 2.86 1.14 10.77
N PHE B 6 2.27 0.16 10.11
CA PHE B 6 3.00 -1.04 9.72
C PHE B 6 2.99 -1.22 8.20
N VAL B 7 4.11 -1.67 7.65
CA VAL B 7 4.23 -1.88 6.21
C VAL B 7 4.77 -3.27 5.90
N LYS B 8 4.02 -4.02 5.08
CA LYS B 8 4.42 -5.37 4.70
C LYS B 8 5.10 -5.37 3.33
N THR B 9 5.95 -6.37 3.11
CA THR B 9 6.66 -6.49 1.84
C THR B 9 6.17 -7.70 1.05
N LEU B 10 6.69 -7.85 -0.17
CA LEU B 10 6.30 -8.97 -1.03
C LEU B 10 6.90 -10.28 -0.50
N THR B 11 7.84 -10.16 0.42
CA THR B 11 8.49 -11.33 1.00
C THR B 11 7.74 -11.82 2.24
N GLY B 12 6.83 -10.99 2.74
CA GLY B 12 6.07 -11.35 3.91
C GLY B 12 6.57 -10.65 5.16
N LYS B 13 7.76 -10.10 5.09
CA LYS B 13 8.35 -9.39 6.23
C LYS B 13 7.38 -8.36 6.79
N THR B 14 7.56 -8.03 8.06
CA THR B 14 6.70 -7.05 8.72
C THR B 14 7.50 -5.85 9.21
N ILE B 15 7.36 -4.72 8.54
CA ILE B 15 8.07 -3.51 8.90
C ILE B 15 7.20 -2.60 9.76
N THR B 16 7.82 -1.96 10.75
CA THR B 16 7.10 -1.06 11.65
C THR B 16 7.80 0.29 11.75
N LEU B 17 7.03 1.37 11.60
CA LEU B 17 7.59 2.71 11.68
C LEU B 17 6.54 3.70 12.19
N GLU B 18 6.99 4.91 12.49
CA GLU B 18 6.09 5.95 12.99
C GLU B 18 5.88 7.04 11.95
N VAL B 19 4.70 7.65 11.96
CA VAL B 19 4.37 8.71 11.01
C VAL B 19 3.40 9.72 11.62
N GLU B 20 3.21 10.83 10.95
CA GLU B 20 2.31 11.87 11.43
C GLU B 20 1.10 12.01 10.51
N PRO B 21 0.01 12.57 11.06
CA PRO B 21 -1.24 12.77 10.31
C PRO B 21 -1.11 13.84 9.24
N SER B 22 0.00 14.58 9.28
CA SER B 22 0.24 15.64 8.31
C SER B 22 1.32 15.23 7.31
N ASP B 23 2.03 14.15 7.62
CA ASP B 23 3.10 13.65 6.76
C ASP B 23 2.53 13.20 5.42
N THR B 24 3.39 12.63 4.59
CA THR B 24 2.98 12.16 3.26
C THR B 24 3.50 10.75 3.00
N ILE B 25 2.96 10.10 1.97
CA ILE B 25 3.36 8.75 1.62
C ILE B 25 4.86 8.69 1.34
N GLU B 26 5.38 9.69 0.65
CA GLU B 26 6.80 9.75 0.32
C GLU B 26 7.65 9.69 1.58
N ASN B 27 7.14 10.27 2.66
CA ASN B 27 7.85 10.28 3.93
C ASN B 27 7.92 8.88 4.54
N VAL B 28 6.81 8.17 4.47
CA VAL B 28 6.74 6.81 5.02
C VAL B 28 7.80 5.92 4.39
N LYS B 29 8.08 6.14 3.11
CA LYS B 29 9.08 5.35 2.39
C LYS B 29 10.49 5.83 2.73
N ALA B 30 10.61 7.11 3.06
CA ALA B 30 11.91 7.68 3.41
C ALA B 30 12.55 6.93 4.56
N LYS B 31 11.80 6.75 5.64
CA LYS B 31 12.30 6.04 6.82
C LYS B 31 12.41 4.54 6.55
N ILE B 32 11.43 4.00 5.83
CA ILE B 32 11.43 2.59 5.49
C ILE B 32 12.73 2.17 4.81
N GLN B 33 13.34 3.12 4.10
CA GLN B 33 14.59 2.85 3.41
C GLN B 33 15.69 2.46 4.38
N ASP B 34 15.74 3.14 5.51
CA ASP B 34 16.74 2.86 6.54
C ASP B 34 16.48 1.51 7.19
N LYS B 35 15.31 0.94 6.92
CA LYS B 35 14.94 -0.36 7.48
C LYS B 35 15.30 -1.49 6.52
N GLU B 36 14.63 -1.52 5.37
CA GLU B 36 14.87 -2.54 4.36
C GLU B 36 16.11 -2.21 3.53
N GLY B 37 16.19 -0.96 3.09
CA GLY B 37 17.32 -0.54 2.29
C GLY B 37 16.94 -0.27 0.84
N ILE B 38 15.74 0.25 0.63
CA ILE B 38 15.26 0.55 -0.71
C ILE B 38 14.82 2.01 -0.82
N PRO B 39 15.10 2.63 -1.98
CA PRO B 39 14.74 4.03 -2.24
C PRO B 39 13.23 4.21 -2.39
N PRO B 40 12.72 5.36 -1.91
CA PRO B 40 11.30 5.69 -1.99
C PRO B 40 10.84 5.97 -3.42
N ASP B 41 11.81 6.15 -4.31
CA ASP B 41 11.50 6.42 -5.71
C ASP B 41 11.21 5.12 -6.47
N GLN B 42 11.30 4.00 -5.77
CA GLN B 42 11.05 2.70 -6.38
C GLN B 42 9.94 1.97 -5.64
N GLN B 43 9.92 2.10 -4.32
CA GLN B 43 8.91 1.45 -3.49
C GLN B 43 7.62 2.28 -3.45
N ARG B 44 6.50 1.61 -3.23
CA ARG B 44 5.21 2.27 -3.16
C ARG B 44 4.38 1.74 -2.00
N LEU B 45 3.17 2.30 -1.83
CA LEU B 45 2.28 1.87 -0.76
C LEU B 45 0.89 1.52 -1.32
N ILE B 46 0.20 0.63 -0.62
CA ILE B 46 -1.14 0.21 -1.04
C ILE B 46 -2.08 0.09 0.15
N PHE B 47 -3.05 0.99 0.22
CA PHE B 47 -4.02 1.00 1.32
C PHE B 47 -5.38 1.46 0.84
N ALA B 48 -6.43 0.89 1.41
CA ALA B 48 -7.79 1.25 1.05
C ALA B 48 -8.08 0.89 -0.42
N GLY B 49 -7.34 -0.08 -0.94
CA GLY B 49 -7.53 -0.50 -2.31
C GLY B 49 -7.09 0.56 -3.31
N LYS B 50 -6.14 1.39 -2.91
CA LYS B 50 -5.65 2.46 -3.77
C LYS B 50 -4.14 2.66 -3.57
N GLN B 51 -3.48 3.18 -4.61
CA GLN B 51 -2.04 3.42 -4.55
C GLN B 51 -1.75 4.76 -3.90
N LEU B 52 -1.20 4.72 -2.69
CA LEU B 52 -0.86 5.94 -1.95
C LEU B 52 0.47 6.51 -2.42
N GLU B 53 0.48 7.81 -2.71
CA GLU B 53 1.69 8.47 -3.16
C GLU B 53 1.86 9.84 -2.49
N ASP B 54 2.93 10.54 -2.84
CA ASP B 54 3.20 11.86 -2.27
C ASP B 54 2.10 12.85 -2.65
N GLY B 55 1.31 12.49 -3.65
CA GLY B 55 0.23 13.36 -4.08
C GLY B 55 -0.76 13.65 -2.97
N ARG B 56 -0.75 12.82 -1.94
CA ARG B 56 -1.66 12.99 -0.81
C ARG B 56 -0.96 12.68 0.50
N THR B 57 -1.60 13.05 1.61
CA THR B 57 -1.03 12.82 2.94
C THR B 57 -1.67 11.60 3.60
N LEU B 58 -1.22 11.30 4.81
CA LEU B 58 -1.75 10.16 5.56
C LEU B 58 -3.22 10.34 5.88
N SER B 59 -3.57 11.52 6.38
CA SER B 59 -4.96 11.82 6.72
C SER B 59 -5.84 11.85 5.48
N ASP B 60 -5.20 11.94 4.31
CA ASP B 60 -5.92 11.98 3.05
C ASP B 60 -6.42 10.58 2.67
N TYR B 61 -5.65 9.56 3.05
CA TYR B 61 -6.02 8.18 2.75
C TYR B 61 -6.63 7.51 3.97
N ASN B 62 -7.05 8.31 4.94
CA ASN B 62 -7.66 7.79 6.15
C ASN B 62 -6.71 6.84 6.88
N ILE B 63 -5.41 7.14 6.81
CA ILE B 63 -4.40 6.32 7.46
C ILE B 63 -4.51 6.42 8.97
N GLN B 64 -5.05 5.37 9.60
CA GLN B 64 -5.21 5.33 11.05
C GLN B 64 -4.05 4.58 11.70
N LYS B 65 -4.05 4.57 13.02
CA LYS B 65 -3.00 3.88 13.77
C LYS B 65 -2.98 2.39 13.45
N GLU B 66 -1.78 1.83 13.36
CA GLU B 66 -1.62 0.40 13.05
C GLU B 66 -2.14 0.10 11.65
N SER B 67 -1.94 1.04 10.73
CA SER B 67 -2.39 0.86 9.35
C SER B 67 -1.60 -0.24 8.65
N THR B 68 -2.32 -1.18 8.05
CA THR B 68 -1.69 -2.28 7.34
C THR B 68 -1.50 -1.97 5.86
N LEU B 69 -0.31 -1.51 5.51
CA LEU B 69 0.00 -1.16 4.12
C LEU B 69 0.92 -2.20 3.50
N HIS B 70 1.06 -2.14 2.18
CA HIS B 70 1.91 -3.08 1.46
C HIS B 70 3.07 -2.35 0.79
N LEU B 71 4.03 -3.11 0.27
CA LEU B 71 5.19 -2.53 -0.39
C LEU B 71 5.33 -3.07 -1.82
N VAL B 72 5.48 -2.17 -2.77
CA VAL B 72 5.62 -2.56 -4.17
C VAL B 72 6.79 -1.81 -4.83
N LEU B 73 7.73 -2.57 -5.38
CA LEU B 73 8.90 -1.99 -6.04
C LEU B 73 8.79 -2.13 -7.55
N ARG B 74 8.75 -1.00 -8.25
CA ARG B 74 8.65 -1.00 -9.70
C ARG B 74 9.95 -0.50 -10.34
N LEU B 75 10.96 -1.36 -10.37
CA LEU B 75 12.25 -1.01 -10.95
C LEU B 75 12.08 -0.42 -12.35
N ARG B 76 12.68 0.74 -12.57
CA ARG B 76 12.58 1.42 -13.86
C ARG B 76 13.35 0.64 -14.93
N GLY B 77 14.59 0.28 -14.62
CA GLY B 77 15.41 -0.46 -15.56
C GLY B 77 16.78 0.16 -15.76
N GLY B 78 17.61 0.11 -14.72
CA GLY B 78 18.94 0.68 -14.81
C GLY B 78 19.29 1.52 -13.60
ZN ZN C . -4.31 -8.64 -10.37
N SER A 1 -24.46 -12.03 3.15
CA SER A 1 -23.14 -11.52 2.80
C SER A 1 -22.81 -10.25 3.59
N HIS A 2 -21.58 -9.79 3.45
CA HIS A 2 -21.13 -8.59 4.16
C HIS A 2 -19.95 -7.94 3.44
N MET A 3 -20.04 -6.65 3.20
CA MET A 3 -18.97 -5.91 2.52
C MET A 3 -18.65 -4.62 3.26
N GLY A 4 -17.60 -3.94 2.82
CA GLY A 4 -17.20 -2.69 3.45
C GLY A 4 -15.74 -2.67 3.82
N ALA A 5 -15.12 -3.84 3.85
CA ALA A 5 -13.70 -3.96 4.19
C ALA A 5 -12.83 -3.96 2.95
N ALA A 6 -13.22 -3.16 1.95
CA ALA A 6 -12.47 -3.07 0.70
C ALA A 6 -13.07 -2.02 -0.21
N ALA A 7 -12.21 -1.31 -0.94
CA ALA A 7 -12.65 -0.27 -1.86
C ALA A 7 -12.94 -0.84 -3.24
N LEU A 8 -12.36 -2.00 -3.53
CA LEU A 8 -12.55 -2.65 -4.81
C LEU A 8 -12.90 -4.13 -4.62
N ARG A 9 -13.95 -4.58 -5.29
CA ARG A 9 -14.40 -5.96 -5.20
C ARG A 9 -13.78 -6.80 -6.31
N SER A 10 -13.01 -6.14 -7.18
CA SER A 10 -12.36 -6.83 -8.29
C SER A 10 -11.11 -6.08 -8.74
N CYS A 11 -9.99 -6.79 -8.81
CA CYS A 11 -8.73 -6.20 -9.22
C CYS A 11 -8.88 -5.45 -10.55
N PRO A 12 -8.86 -4.11 -10.47
CA PRO A 12 -9.00 -3.25 -11.65
C PRO A 12 -7.78 -3.33 -12.57
N MET A 13 -6.77 -4.09 -12.14
CA MET A 13 -5.55 -4.25 -12.93
C MET A 13 -5.66 -5.45 -13.87
N CYS A 14 -5.95 -6.61 -13.29
CA CYS A 14 -6.08 -7.84 -14.08
C CYS A 14 -7.52 -8.35 -14.06
N GLN A 15 -8.46 -7.45 -13.75
CA GLN A 15 -9.87 -7.80 -13.71
C GLN A 15 -10.07 -9.14 -13.00
N LYS A 16 -9.76 -9.16 -11.70
CA LYS A 16 -9.91 -10.37 -10.91
C LYS A 16 -10.84 -10.14 -9.72
N GLU A 17 -12.05 -10.68 -9.80
CA GLU A 17 -13.03 -10.54 -8.74
C GLU A 17 -12.50 -11.10 -7.43
N PHE A 18 -12.42 -10.25 -6.41
CA PHE A 18 -11.93 -10.66 -5.10
C PHE A 18 -12.99 -11.45 -4.34
N ALA A 19 -12.54 -12.33 -3.45
CA ALA A 19 -13.46 -13.14 -2.65
C ALA A 19 -14.36 -12.27 -1.79
N PRO A 20 -15.55 -12.80 -1.44
CA PRO A 20 -16.52 -12.09 -0.61
C PRO A 20 -16.05 -11.94 0.83
N ARG A 21 -16.76 -11.10 1.59
CA ARG A 21 -16.41 -10.87 2.99
C ARG A 21 -14.90 -10.82 3.18
N LEU A 22 -14.22 -10.17 2.24
CA LEU A 22 -12.77 -10.05 2.31
C LEU A 22 -12.36 -8.92 3.24
N THR A 23 -11.06 -8.67 3.33
CA THR A 23 -10.53 -7.61 4.20
C THR A 23 -9.58 -6.70 3.43
N GLN A 24 -9.31 -5.53 3.99
CA GLN A 24 -8.41 -4.56 3.36
C GLN A 24 -7.09 -5.22 2.99
N LEU A 25 -6.63 -6.12 3.85
CA LEU A 25 -5.36 -6.82 3.62
C LEU A 25 -5.49 -7.82 2.48
N ASP A 26 -6.69 -8.39 2.34
CA ASP A 26 -6.95 -9.37 1.28
C ASP A 26 -6.79 -8.74 -0.10
N VAL A 27 -7.41 -7.58 -0.28
CA VAL A 27 -7.34 -6.87 -1.55
C VAL A 27 -5.98 -6.20 -1.74
N ASP A 28 -5.45 -5.65 -0.65
CA ASP A 28 -4.16 -4.97 -0.68
C ASP A 28 -3.04 -5.97 -1.00
N SER A 29 -3.12 -7.15 -0.41
CA SER A 29 -2.11 -8.19 -0.63
C SER A 29 -1.90 -8.43 -2.12
N HIS A 30 -2.99 -8.70 -2.83
CA HIS A 30 -2.92 -8.95 -4.27
C HIS A 30 -2.60 -7.67 -5.02
N LEU A 31 -3.23 -6.57 -4.62
CA LEU A 31 -3.02 -5.29 -5.27
C LEU A 31 -1.53 -4.94 -5.32
N ALA A 32 -0.79 -5.37 -4.29
CA ALA A 32 0.64 -5.11 -4.23
C ALA A 32 1.40 -5.97 -5.22
N GLN A 33 0.97 -7.22 -5.38
CA GLN A 33 1.61 -8.14 -6.31
C GLN A 33 1.29 -7.78 -7.75
N CYS A 34 0.02 -7.55 -8.03
CA CYS A 34 -0.40 -7.20 -9.38
C CYS A 34 0.41 -5.97 -9.83
N LEU A 35 0.39 -4.95 -8.97
CA LEU A 35 1.12 -3.72 -9.25
C LEU A 35 2.59 -4.00 -9.51
N ALA A 36 3.19 -4.82 -8.66
CA ALA A 36 4.60 -5.18 -8.80
C ALA A 36 4.87 -5.84 -10.15
N GLU A 37 3.84 -6.42 -10.73
CA GLU A 37 3.96 -7.09 -12.02
C GLU A 37 3.69 -6.12 -13.16
N SER A 38 2.77 -5.19 -12.93
CA SER A 38 2.41 -4.21 -13.95
C SER A 38 3.16 -2.90 -13.72
N THR A 39 4.06 -2.57 -14.64
CA THR A 39 4.84 -1.33 -14.54
C THR A 39 3.94 -0.11 -14.61
N GLU A 40 2.80 -0.24 -15.27
CA GLU A 40 1.85 0.86 -15.41
C GLU A 40 1.35 1.31 -14.03
N ASP A 41 1.33 2.62 -13.82
CA ASP A 41 0.87 3.18 -12.56
C ASP A 41 -0.43 3.96 -12.75
N VAL A 42 -1.45 3.29 -13.26
CA VAL A 42 -2.75 3.93 -13.50
C VAL A 42 -3.58 3.98 -12.22
N THR A 43 -3.93 5.19 -11.79
CA THR A 43 -4.72 5.37 -10.58
C THR A 43 -6.21 5.18 -10.86
N TRP A 44 -6.86 4.37 -10.04
CA TRP A 44 -8.28 4.10 -10.20
C TRP A 44 -9.09 4.81 -9.12
N SER B 1 3.53 11.70 19.92
CA SER B 1 2.92 12.88 19.35
C SER B 1 2.17 12.54 18.07
N HIS B 2 2.57 11.46 17.41
CA HIS B 2 1.93 11.02 16.18
C HIS B 2 1.45 9.58 16.29
N MET B 3 0.95 9.03 15.19
CA MET B 3 0.45 7.66 15.18
C MET B 3 1.49 6.71 14.58
N GLN B 4 1.19 5.42 14.62
CA GLN B 4 2.10 4.42 14.09
C GLN B 4 1.44 3.64 12.95
N ILE B 5 2.26 3.05 12.09
CA ILE B 5 1.76 2.28 10.96
C ILE B 5 2.66 1.09 10.66
N PHE B 6 2.16 0.16 9.85
CA PHE B 6 2.93 -1.03 9.48
C PHE B 6 3.05 -1.15 7.96
N VAL B 7 4.11 -1.80 7.51
CA VAL B 7 4.35 -1.99 6.09
C VAL B 7 4.76 -3.43 5.79
N LYS B 8 4.13 -4.01 4.78
CA LYS B 8 4.43 -5.39 4.38
C LYS B 8 5.17 -5.42 3.04
N THR B 9 6.20 -6.25 2.97
CA THR B 9 6.99 -6.37 1.74
C THR B 9 6.58 -7.59 0.94
N LEU B 10 6.97 -7.63 -0.32
CA LEU B 10 6.64 -8.75 -1.20
C LEU B 10 7.32 -10.03 -0.74
N THR B 11 8.30 -9.88 0.15
CA THR B 11 9.03 -11.03 0.67
C THR B 11 8.38 -11.58 1.93
N GLY B 12 7.32 -10.91 2.38
CA GLY B 12 6.61 -11.36 3.56
C GLY B 12 7.04 -10.61 4.81
N LYS B 13 8.28 -10.13 4.81
CA LYS B 13 8.81 -9.39 5.94
C LYS B 13 7.88 -8.24 6.34
N THR B 14 7.73 -8.03 7.63
CA THR B 14 6.86 -6.97 8.14
C THR B 14 7.70 -5.85 8.77
N ILE B 15 7.26 -4.61 8.56
CA ILE B 15 7.96 -3.46 9.12
C ILE B 15 7.01 -2.58 9.93
N THR B 16 7.51 -2.04 11.03
CA THR B 16 6.71 -1.19 11.91
C THR B 16 7.40 0.15 12.13
N LEU B 17 6.82 1.20 11.56
CA LEU B 17 7.37 2.55 11.71
C LEU B 17 6.30 3.54 12.17
N GLU B 18 6.73 4.73 12.56
CA GLU B 18 5.81 5.76 13.01
C GLU B 18 5.59 6.82 11.94
N VAL B 19 4.39 7.37 11.88
CA VAL B 19 4.05 8.39 10.90
C VAL B 19 3.05 9.39 11.47
N GLU B 20 3.01 10.59 10.88
CA GLU B 20 2.10 11.63 11.32
C GLU B 20 0.88 11.71 10.40
N PRO B 21 -0.23 12.24 10.95
CA PRO B 21 -1.48 12.38 10.20
C PRO B 21 -1.39 13.45 9.12
N SER B 22 -0.29 14.20 9.13
CA SER B 22 -0.08 15.26 8.15
C SER B 22 1.01 14.87 7.16
N ASP B 23 1.72 13.79 7.46
CA ASP B 23 2.80 13.32 6.59
C ASP B 23 2.26 12.88 5.24
N THR B 24 3.13 12.32 4.41
CA THR B 24 2.73 11.86 3.09
C THR B 24 3.21 10.42 2.84
N ILE B 25 2.85 9.88 1.69
CA ILE B 25 3.24 8.52 1.33
C ILE B 25 4.75 8.42 1.15
N GLU B 26 5.31 9.31 0.35
CA GLU B 26 6.75 9.32 0.10
C GLU B 26 7.53 9.46 1.40
N ASN B 27 6.86 9.95 2.44
CA ASN B 27 7.49 10.13 3.75
C ASN B 27 7.73 8.78 4.42
N VAL B 28 6.68 7.97 4.49
CA VAL B 28 6.78 6.65 5.11
C VAL B 28 7.87 5.81 4.46
N LYS B 29 8.19 6.13 3.21
CA LYS B 29 9.21 5.41 2.46
C LYS B 29 10.60 5.90 2.85
N ALA B 30 10.70 7.17 3.20
CA ALA B 30 11.98 7.75 3.60
C ALA B 30 12.58 7.01 4.79
N LYS B 31 11.78 6.84 5.84
CA LYS B 31 12.23 6.14 7.04
C LYS B 31 12.36 4.64 6.78
N ILE B 32 11.41 4.09 6.03
CA ILE B 32 11.43 2.67 5.71
C ILE B 32 12.72 2.28 4.99
N GLN B 33 13.28 3.23 4.24
CA GLN B 33 14.51 2.98 3.51
C GLN B 33 15.63 2.55 4.44
N ASP B 34 15.76 3.24 5.57
CA ASP B 34 16.78 2.91 6.55
C ASP B 34 16.45 1.62 7.29
N LYS B 35 15.23 1.14 7.10
CA LYS B 35 14.77 -0.09 7.74
C LYS B 35 15.18 -1.31 6.91
N GLU B 36 14.59 -1.43 5.73
CA GLU B 36 14.89 -2.55 4.84
C GLU B 36 16.13 -2.27 4.00
N GLY B 37 16.22 -1.04 3.49
CA GLY B 37 17.36 -0.66 2.68
C GLY B 37 17.00 -0.46 1.23
N ILE B 38 15.87 0.20 1.00
CA ILE B 38 15.39 0.46 -0.36
C ILE B 38 14.98 1.92 -0.53
N PRO B 39 15.28 2.50 -1.70
CA PRO B 39 14.95 3.89 -2.01
C PRO B 39 13.44 4.10 -2.18
N PRO B 40 12.96 5.27 -1.73
CA PRO B 40 11.54 5.62 -1.81
C PRO B 40 11.10 5.88 -3.25
N ASP B 41 12.06 6.01 -4.15
CA ASP B 41 11.78 6.25 -5.56
C ASP B 41 11.46 4.95 -6.29
N GLN B 42 11.53 3.84 -5.56
CA GLN B 42 11.26 2.53 -6.14
C GLN B 42 10.12 1.84 -5.40
N GLN B 43 10.08 2.01 -4.08
CA GLN B 43 9.04 1.40 -3.26
C GLN B 43 7.79 2.25 -3.25
N ARG B 44 6.63 1.60 -3.21
CA ARG B 44 5.35 2.30 -3.19
C ARG B 44 4.46 1.81 -2.06
N LEU B 45 3.28 2.41 -1.92
CA LEU B 45 2.34 2.02 -0.87
C LEU B 45 1.01 1.56 -1.47
N ILE B 46 0.33 0.69 -0.75
CA ILE B 46 -0.96 0.17 -1.21
C ILE B 46 -1.95 0.07 -0.06
N PHE B 47 -2.96 0.92 -0.07
CA PHE B 47 -3.99 0.92 0.97
C PHE B 47 -5.38 1.10 0.38
N ALA B 48 -6.36 0.41 0.94
CA ALA B 48 -7.73 0.49 0.47
C ALA B 48 -7.85 -0.01 -0.96
N GLY B 49 -6.92 -0.88 -1.36
CA GLY B 49 -6.94 -1.42 -2.71
C GLY B 49 -6.57 -0.39 -3.75
N LYS B 50 -6.02 0.73 -3.31
CA LYS B 50 -5.61 1.80 -4.21
C LYS B 50 -4.14 2.13 -4.03
N GLN B 51 -3.58 2.88 -4.97
CA GLN B 51 -2.17 3.27 -4.92
C GLN B 51 -2.01 4.62 -4.23
N LEU B 52 -1.20 4.64 -3.18
CA LEU B 52 -0.96 5.87 -2.43
C LEU B 52 0.33 6.54 -2.88
N GLU B 53 0.25 7.85 -3.16
CA GLU B 53 1.41 8.61 -3.60
C GLU B 53 1.60 9.86 -2.75
N ASP B 54 2.74 10.51 -2.93
CA ASP B 54 3.05 11.73 -2.17
C ASP B 54 2.01 12.81 -2.44
N GLY B 55 1.28 12.67 -3.55
CA GLY B 55 0.27 13.65 -3.89
C GLY B 55 -0.76 13.84 -2.79
N ARG B 56 -0.89 12.84 -1.92
CA ARG B 56 -1.84 12.90 -0.82
C ARG B 56 -1.16 12.58 0.50
N THR B 57 -1.84 12.87 1.60
CA THR B 57 -1.30 12.62 2.93
C THR B 57 -1.89 11.35 3.53
N LEU B 58 -1.47 11.03 4.75
CA LEU B 58 -1.95 9.84 5.44
C LEU B 58 -3.44 9.94 5.74
N SER B 59 -3.85 11.09 6.29
CA SER B 59 -5.25 11.31 6.62
C SER B 59 -6.10 11.38 5.36
N ASP B 60 -5.46 11.54 4.22
CA ASP B 60 -6.16 11.62 2.94
C ASP B 60 -6.64 10.24 2.51
N TYR B 61 -5.87 9.21 2.86
CA TYR B 61 -6.22 7.84 2.50
C TYR B 61 -6.85 7.11 3.69
N ASN B 62 -7.29 7.87 4.68
CA ASN B 62 -7.92 7.31 5.86
C ASN B 62 -6.97 6.35 6.57
N ILE B 63 -5.68 6.66 6.54
CA ILE B 63 -4.67 5.83 7.17
C ILE B 63 -4.60 6.10 8.67
N GLN B 64 -5.30 5.29 9.45
CA GLN B 64 -5.31 5.44 10.90
C GLN B 64 -4.20 4.63 11.55
N LYS B 65 -4.24 4.52 12.87
CA LYS B 65 -3.24 3.75 13.61
C LYS B 65 -3.27 2.29 13.21
N GLU B 66 -2.11 1.64 13.29
CA GLU B 66 -2.00 0.22 12.94
C GLU B 66 -2.61 -0.04 11.57
N SER B 67 -2.11 0.67 10.56
CA SER B 67 -2.60 0.51 9.19
C SER B 67 -1.81 -0.56 8.45
N THR B 68 -2.53 -1.46 7.79
CA THR B 68 -1.89 -2.53 7.03
C THR B 68 -1.67 -2.13 5.58
N LEU B 69 -0.48 -1.62 5.29
CA LEU B 69 -0.14 -1.20 3.94
C LEU B 69 0.94 -2.10 3.34
N HIS B 70 0.81 -2.39 2.04
CA HIS B 70 1.79 -3.23 1.35
C HIS B 70 2.81 -2.38 0.61
N LEU B 71 3.86 -3.03 0.11
CA LEU B 71 4.91 -2.33 -0.62
C LEU B 71 5.05 -2.90 -2.03
N VAL B 72 5.35 -2.01 -2.98
CA VAL B 72 5.51 -2.41 -4.37
C VAL B 72 6.76 -1.79 -4.98
N LEU B 73 7.73 -2.63 -5.29
CA LEU B 73 8.99 -2.17 -5.87
C LEU B 73 9.02 -2.44 -7.38
N ARG B 74 9.04 -1.38 -8.17
CA ARG B 74 9.07 -1.51 -9.63
C ARG B 74 10.42 -1.04 -10.18
N LEU B 75 11.42 -1.90 -10.05
CA LEU B 75 12.76 -1.58 -10.55
C LEU B 75 12.76 -1.41 -12.06
N ARG B 76 13.02 -0.20 -12.53
CA ARG B 76 13.05 0.08 -13.96
C ARG B 76 14.14 -0.74 -14.64
N GLY B 77 13.83 -1.22 -15.85
CA GLY B 77 14.79 -2.02 -16.60
C GLY B 77 16.08 -1.28 -16.84
N GLY B 78 17.11 -1.62 -16.07
CA GLY B 78 18.40 -0.97 -16.23
C GLY B 78 18.68 0.05 -15.13
ZN ZN C . -4.48 -8.50 -10.11
N SER A 1 -20.93 -13.01 -5.23
CA SER A 1 -20.66 -11.58 -5.16
C SER A 1 -21.76 -10.86 -4.39
N HIS A 2 -22.18 -11.45 -3.27
CA HIS A 2 -23.22 -10.87 -2.44
C HIS A 2 -22.65 -9.81 -1.50
N MET A 3 -21.46 -10.07 -0.98
CA MET A 3 -20.81 -9.14 -0.06
C MET A 3 -19.60 -8.49 -0.73
N GLY A 4 -18.94 -7.60 0.00
CA GLY A 4 -17.78 -6.91 -0.54
C GLY A 4 -17.36 -5.72 0.30
N ALA A 5 -16.50 -5.97 1.28
CA ALA A 5 -16.02 -4.90 2.16
C ALA A 5 -14.67 -4.38 1.70
N ALA A 6 -14.67 -3.63 0.61
CA ALA A 6 -13.44 -3.07 0.06
C ALA A 6 -13.73 -2.07 -1.06
N ALA A 7 -12.81 -1.14 -1.28
CA ALA A 7 -12.97 -0.13 -2.31
C ALA A 7 -13.24 -0.78 -3.68
N LEU A 8 -12.63 -1.94 -3.89
CA LEU A 8 -12.80 -2.66 -5.16
C LEU A 8 -13.08 -4.14 -4.90
N ARG A 9 -14.08 -4.67 -5.59
CA ARG A 9 -14.45 -6.08 -5.44
C ARG A 9 -13.83 -6.92 -6.55
N SER A 10 -13.05 -6.28 -7.41
CA SER A 10 -12.40 -6.97 -8.52
C SER A 10 -11.14 -6.24 -8.95
N CYS A 11 -10.02 -6.97 -8.97
CA CYS A 11 -8.74 -6.38 -9.36
C CYS A 11 -8.86 -5.67 -10.71
N PRO A 12 -8.82 -4.33 -10.67
CA PRO A 12 -8.91 -3.50 -11.88
C PRO A 12 -7.67 -3.62 -12.76
N MET A 13 -6.69 -4.38 -12.30
CA MET A 13 -5.45 -4.57 -13.05
C MET A 13 -5.53 -5.82 -13.92
N CYS A 14 -5.85 -6.95 -13.30
CA CYS A 14 -5.96 -8.21 -14.03
C CYS A 14 -7.41 -8.70 -14.04
N GLN A 15 -8.34 -7.78 -13.83
CA GLN A 15 -9.76 -8.12 -13.83
C GLN A 15 -10.00 -9.43 -13.09
N LYS A 16 -9.70 -9.43 -11.79
CA LYS A 16 -9.88 -10.62 -10.96
C LYS A 16 -10.81 -10.33 -9.79
N GLU A 17 -12.04 -10.82 -9.88
CA GLU A 17 -13.03 -10.60 -8.82
C GLU A 17 -12.51 -11.12 -7.48
N PHE A 18 -12.25 -10.20 -6.55
CA PHE A 18 -11.76 -10.56 -5.23
C PHE A 18 -12.80 -11.36 -4.45
N ALA A 19 -12.33 -12.19 -3.53
CA ALA A 19 -13.21 -13.01 -2.71
C ALA A 19 -14.19 -12.14 -1.93
N PRO A 20 -15.37 -12.71 -1.60
CA PRO A 20 -16.41 -12.00 -0.86
C PRO A 20 -16.02 -11.77 0.59
N ARG A 21 -16.79 -10.93 1.29
CA ARG A 21 -16.53 -10.62 2.68
C ARG A 21 -15.03 -10.48 2.93
N LEU A 22 -14.33 -9.84 1.99
CA LEU A 22 -12.90 -9.65 2.12
C LEU A 22 -12.59 -8.43 3.00
N THR A 23 -11.30 -8.11 3.12
CA THR A 23 -10.86 -6.98 3.93
C THR A 23 -9.93 -6.08 3.15
N GLN A 24 -9.75 -4.85 3.63
CA GLN A 24 -8.87 -3.89 2.98
C GLN A 24 -7.50 -4.49 2.72
N LEU A 25 -7.04 -5.32 3.65
CA LEU A 25 -5.74 -5.96 3.53
C LEU A 25 -5.76 -7.05 2.46
N ASP A 26 -6.91 -7.72 2.33
CA ASP A 26 -7.06 -8.78 1.33
C ASP A 26 -6.85 -8.22 -0.08
N VAL A 27 -7.54 -7.14 -0.40
CA VAL A 27 -7.42 -6.51 -1.72
C VAL A 27 -6.07 -5.84 -1.88
N ASP A 28 -5.50 -5.36 -0.78
CA ASP A 28 -4.21 -4.69 -0.80
C ASP A 28 -3.09 -5.69 -1.07
N SER A 29 -3.17 -6.84 -0.41
CA SER A 29 -2.15 -7.88 -0.57
C SER A 29 -1.93 -8.21 -2.04
N HIS A 30 -3.01 -8.52 -2.74
CA HIS A 30 -2.94 -8.85 -4.17
C HIS A 30 -2.57 -7.62 -4.98
N LEU A 31 -3.21 -6.49 -4.68
CA LEU A 31 -2.95 -5.24 -5.39
C LEU A 31 -1.46 -4.92 -5.40
N ALA A 32 -0.78 -5.25 -4.30
CA ALA A 32 0.65 -4.99 -4.19
C ALA A 32 1.43 -5.83 -5.20
N GLN A 33 1.03 -7.08 -5.36
CA GLN A 33 1.70 -7.98 -6.29
C GLN A 33 1.34 -7.65 -7.73
N CYS A 34 0.05 -7.50 -8.00
CA CYS A 34 -0.40 -7.17 -9.34
C CYS A 34 0.31 -5.90 -9.79
N LEU A 35 0.42 -4.96 -8.87
CA LEU A 35 1.07 -3.69 -9.14
C LEU A 35 2.56 -3.89 -9.44
N ALA A 36 3.23 -4.64 -8.56
CA ALA A 36 4.65 -4.92 -8.73
C ALA A 36 4.92 -5.66 -10.02
N GLU A 37 3.89 -6.34 -10.53
CA GLU A 37 4.02 -7.10 -11.77
C GLU A 37 3.59 -6.27 -12.97
N SER A 38 2.79 -5.24 -12.70
CA SER A 38 2.29 -4.36 -13.76
C SER A 38 3.42 -3.50 -14.31
N THR A 39 3.27 -3.08 -15.57
CA THR A 39 4.27 -2.25 -16.22
C THR A 39 3.80 -0.81 -16.35
N GLU A 40 2.50 -0.61 -16.21
CA GLU A 40 1.92 0.73 -16.30
C GLU A 40 1.33 1.16 -14.96
N ASP A 41 1.65 2.39 -14.55
CA ASP A 41 1.17 2.92 -13.29
C ASP A 41 -0.18 3.63 -13.48
N VAL A 42 -1.21 2.85 -13.74
CA VAL A 42 -2.55 3.39 -13.95
C VAL A 42 -3.24 3.67 -12.61
N THR A 43 -3.73 4.90 -12.45
CA THR A 43 -4.41 5.29 -11.23
C THR A 43 -5.91 5.02 -11.32
N TRP A 44 -6.41 4.16 -10.45
CA TRP A 44 -7.83 3.82 -10.43
C TRP A 44 -8.53 4.45 -9.23
N SER B 1 -0.12 12.54 19.88
CA SER B 1 -0.02 13.32 18.66
C SER B 1 0.88 12.63 17.64
N HIS B 2 0.84 11.30 17.62
CA HIS B 2 1.65 10.52 16.71
C HIS B 2 1.15 9.08 16.62
N MET B 3 0.89 8.62 15.40
CA MET B 3 0.40 7.26 15.19
C MET B 3 1.50 6.38 14.59
N GLN B 4 1.23 5.08 14.51
CA GLN B 4 2.19 4.14 13.96
C GLN B 4 1.56 3.29 12.84
N ILE B 5 2.40 2.71 12.01
CA ILE B 5 1.94 1.88 10.90
C ILE B 5 2.86 0.69 10.67
N PHE B 6 2.36 -0.31 9.96
CA PHE B 6 3.14 -1.51 9.67
C PHE B 6 3.17 -1.79 8.17
N VAL B 7 4.37 -1.79 7.60
CA VAL B 7 4.53 -2.04 6.17
C VAL B 7 5.16 -3.42 5.93
N LYS B 8 4.42 -4.28 5.24
CA LYS B 8 4.91 -5.63 4.94
C LYS B 8 5.49 -5.69 3.54
N THR B 9 6.72 -6.17 3.42
CA THR B 9 7.39 -6.29 2.13
C THR B 9 6.66 -7.29 1.23
N LEU B 10 7.10 -7.38 -0.02
CA LEU B 10 6.51 -8.30 -0.98
C LEU B 10 7.03 -9.72 -0.78
N THR B 11 7.93 -9.87 0.20
CA THR B 11 8.50 -11.18 0.50
C THR B 11 7.93 -11.75 1.79
N GLY B 12 7.24 -10.90 2.55
CA GLY B 12 6.65 -11.34 3.80
C GLY B 12 7.17 -10.56 4.99
N LYS B 13 8.38 -10.02 4.86
CA LYS B 13 8.99 -9.24 5.93
C LYS B 13 8.02 -8.20 6.48
N THR B 14 8.00 -8.06 7.80
CA THR B 14 7.12 -7.09 8.45
C THR B 14 7.91 -5.91 9.01
N ILE B 15 7.59 -4.72 8.52
CA ILE B 15 8.27 -3.51 8.97
C ILE B 15 7.34 -2.64 9.82
N THR B 16 7.91 -2.03 10.86
CA THR B 16 7.13 -1.18 11.75
C THR B 16 7.78 0.20 11.91
N LEU B 17 7.02 1.25 11.64
CA LEU B 17 7.52 2.61 11.75
C LEU B 17 6.42 3.57 12.20
N GLU B 18 6.82 4.71 12.73
CA GLU B 18 5.86 5.72 13.20
C GLU B 18 5.63 6.78 12.15
N VAL B 19 4.38 7.22 12.00
CA VAL B 19 4.03 8.24 11.02
C VAL B 19 2.93 9.16 11.56
N GLU B 20 2.87 10.36 11.01
CA GLU B 20 1.86 11.34 11.43
C GLU B 20 0.74 11.44 10.40
N PRO B 21 -0.40 11.99 10.84
CA PRO B 21 -1.58 12.15 9.96
C PRO B 21 -1.36 13.22 8.89
N SER B 22 -0.44 14.14 9.16
CA SER B 22 -0.14 15.22 8.22
C SER B 22 0.98 14.81 7.28
N ASP B 23 1.66 13.71 7.60
CA ASP B 23 2.75 13.21 6.78
C ASP B 23 2.26 12.84 5.39
N THR B 24 3.15 12.26 4.59
CA THR B 24 2.81 11.85 3.22
C THR B 24 3.37 10.48 2.90
N ILE B 25 2.83 9.86 1.86
CA ILE B 25 3.28 8.54 1.44
C ILE B 25 4.78 8.53 1.19
N GLU B 26 5.31 9.64 0.69
CA GLU B 26 6.73 9.75 0.40
C GLU B 26 7.54 9.85 1.70
N ASN B 27 6.86 10.25 2.77
CA ASN B 27 7.52 10.40 4.07
C ASN B 27 7.76 9.04 4.71
N VAL B 28 6.70 8.23 4.81
CA VAL B 28 6.80 6.91 5.40
C VAL B 28 7.85 6.06 4.68
N LYS B 29 8.06 6.34 3.40
CA LYS B 29 9.03 5.62 2.61
C LYS B 29 10.45 6.09 2.89
N ALA B 30 10.58 7.37 3.27
CA ALA B 30 11.87 7.96 3.57
C ALA B 30 12.55 7.19 4.71
N LYS B 31 11.83 7.01 5.81
CA LYS B 31 12.37 6.31 6.97
C LYS B 31 12.50 4.82 6.68
N ILE B 32 11.52 4.26 5.98
CA ILE B 32 11.54 2.84 5.63
C ILE B 32 12.83 2.47 4.90
N GLN B 33 13.37 3.42 4.15
CA GLN B 33 14.60 3.18 3.40
C GLN B 33 15.73 2.76 4.33
N ASP B 34 15.83 3.43 5.47
CA ASP B 34 16.87 3.11 6.45
C ASP B 34 16.57 1.80 7.16
N LYS B 35 15.35 1.31 6.98
CA LYS B 35 14.93 0.06 7.61
C LYS B 35 15.28 -1.14 6.72
N GLU B 36 14.65 -1.19 5.55
CA GLU B 36 14.88 -2.28 4.61
C GLU B 36 16.15 -2.02 3.79
N GLY B 37 16.29 -0.79 3.30
CA GLY B 37 17.45 -0.44 2.51
C GLY B 37 17.11 -0.19 1.05
N ILE B 38 15.97 0.45 0.81
CA ILE B 38 15.52 0.74 -0.54
C ILE B 38 15.03 2.17 -0.66
N PRO B 39 15.22 2.78 -1.85
CA PRO B 39 14.80 4.15 -2.12
C PRO B 39 13.28 4.28 -2.19
N PRO B 40 12.76 5.42 -1.69
CA PRO B 40 11.32 5.69 -1.68
C PRO B 40 10.78 5.95 -3.08
N ASP B 41 11.69 6.10 -4.04
CA ASP B 41 11.29 6.36 -5.42
C ASP B 41 10.96 5.05 -6.15
N GLN B 42 11.08 3.94 -5.43
CA GLN B 42 10.79 2.63 -6.01
C GLN B 42 9.68 1.93 -5.23
N GLN B 43 9.71 2.07 -3.91
CA GLN B 43 8.70 1.45 -3.05
C GLN B 43 7.45 2.32 -2.98
N ARG B 44 6.29 1.67 -2.83
CA ARG B 44 5.02 2.37 -2.74
C ARG B 44 4.13 1.75 -1.68
N LEU B 45 3.00 2.41 -1.40
CA LEU B 45 2.06 1.92 -0.39
C LEU B 45 0.73 1.53 -1.05
N ILE B 46 0.02 0.61 -0.41
CA ILE B 46 -1.26 0.15 -0.93
C ILE B 46 -2.29 0.01 0.19
N PHE B 47 -3.19 0.98 0.27
CA PHE B 47 -4.23 0.97 1.30
C PHE B 47 -5.57 1.39 0.72
N ALA B 48 -6.65 0.83 1.26
CA ALA B 48 -8.00 1.15 0.80
C ALA B 48 -8.23 0.66 -0.62
N GLY B 49 -7.46 -0.36 -1.01
CA GLY B 49 -7.60 -0.93 -2.34
C GLY B 49 -7.09 0.02 -3.42
N LYS B 50 -6.44 1.10 -3.00
CA LYS B 50 -5.90 2.07 -3.93
C LYS B 50 -4.39 2.20 -3.78
N GLN B 51 -3.74 2.78 -4.77
CA GLN B 51 -2.29 2.97 -4.73
C GLN B 51 -1.92 4.29 -4.07
N LEU B 52 -1.35 4.20 -2.87
CA LEU B 52 -0.95 5.39 -2.12
C LEU B 52 0.35 5.97 -2.68
N GLU B 53 0.35 7.27 -2.95
CA GLU B 53 1.52 7.95 -3.48
C GLU B 53 1.72 9.30 -2.81
N ASP B 54 2.85 9.94 -3.11
CA ASP B 54 3.17 11.24 -2.53
C ASP B 54 2.09 12.27 -2.90
N GLY B 55 1.34 11.97 -3.94
CA GLY B 55 0.29 12.88 -4.38
C GLY B 55 -0.71 13.19 -3.29
N ARG B 56 -0.78 12.32 -2.30
CA ARG B 56 -1.72 12.49 -1.18
C ARG B 56 -1.00 12.30 0.16
N THR B 57 -1.67 12.68 1.23
CA THR B 57 -1.11 12.56 2.57
C THR B 57 -1.68 11.35 3.30
N LEU B 58 -1.22 11.13 4.53
CA LEU B 58 -1.70 10.01 5.33
C LEU B 58 -3.18 10.16 5.67
N SER B 59 -3.55 11.36 6.15
CA SER B 59 -4.93 11.63 6.51
C SER B 59 -5.84 11.58 5.29
N ASP B 60 -5.25 11.72 4.11
CA ASP B 60 -6.00 11.67 2.86
C ASP B 60 -6.51 10.27 2.57
N TYR B 61 -5.75 9.27 3.02
CA TYR B 61 -6.12 7.88 2.80
C TYR B 61 -6.75 7.29 4.07
N ASN B 62 -7.10 8.15 5.01
CA ASN B 62 -7.70 7.71 6.26
C ASN B 62 -6.87 6.60 6.91
N ILE B 63 -5.56 6.80 6.93
CA ILE B 63 -4.65 5.82 7.52
C ILE B 63 -4.56 5.99 9.03
N GLN B 64 -5.10 5.03 9.77
CA GLN B 64 -5.08 5.08 11.23
C GLN B 64 -3.87 4.32 11.77
N LYS B 65 -3.79 4.23 13.10
CA LYS B 65 -2.70 3.54 13.76
C LYS B 65 -2.78 2.03 13.52
N GLU B 66 -1.63 1.39 13.40
CA GLU B 66 -1.58 -0.05 13.17
C GLU B 66 -2.24 -0.41 11.84
N SER B 67 -2.04 0.44 10.84
CA SER B 67 -2.61 0.21 9.52
C SER B 67 -1.88 -0.91 8.80
N THR B 68 -2.64 -1.76 8.11
CA THR B 68 -2.07 -2.87 7.37
C THR B 68 -1.88 -2.53 5.91
N LEU B 69 -0.63 -2.33 5.49
CA LEU B 69 -0.32 -1.99 4.12
C LEU B 69 0.72 -2.95 3.55
N HIS B 70 0.98 -2.83 2.24
CA HIS B 70 1.95 -3.68 1.58
C HIS B 70 3.05 -2.85 0.92
N LEU B 71 4.10 -3.51 0.47
CA LEU B 71 5.22 -2.83 -0.18
C LEU B 71 5.36 -3.25 -1.63
N VAL B 72 5.41 -2.27 -2.53
CA VAL B 72 5.53 -2.55 -3.95
C VAL B 72 6.73 -1.81 -4.55
N LEU B 73 7.73 -2.57 -4.99
CA LEU B 73 8.92 -1.99 -5.59
C LEU B 73 8.88 -2.07 -7.11
N ARG B 74 8.91 -0.92 -7.77
CA ARG B 74 8.88 -0.87 -9.23
C ARG B 74 10.21 -0.40 -9.79
N LEU B 75 11.06 -1.36 -10.17
CA LEU B 75 12.37 -1.04 -10.73
C LEU B 75 12.28 -0.76 -12.23
N ARG B 76 13.11 0.16 -12.70
CA ARG B 76 13.12 0.52 -14.11
C ARG B 76 13.82 -0.56 -14.95
N GLY B 77 13.01 -1.36 -15.63
CA GLY B 77 13.56 -2.43 -16.45
C GLY B 77 12.62 -3.60 -16.60
N GLY B 78 12.07 -4.06 -15.47
CA GLY B 78 11.15 -5.17 -15.49
C GLY B 78 9.77 -4.78 -15.96
ZN ZN C . -4.45 -8.70 -9.97
#